data_8CNI
#
_entry.id   8CNI
#
_cell.length_a   1.00
_cell.length_b   1.00
_cell.length_c   1.00
_cell.angle_alpha   90.00
_cell.angle_beta   90.00
_cell.angle_gamma   90.00
#
_symmetry.space_group_name_H-M   'P 1'
#
loop_
_entity.id
_entity.type
_entity.pdbx_description
1 polymer 'Solute carrier family 15 member 4'
2 polymer 'Sybody 27'
#
loop_
_entity_poly.entity_id
_entity_poly.type
_entity_poly.pdbx_seq_one_letter_code
_entity_poly.pdbx_strand_id
1 'polypeptide(L)'
;MEEAEQSERSPLLGSGERGRAAIGAFHGRRLACAAVLLAELLERVAFYGITSNLVLFLNGPPYDWEGAQASQALLLFMGI
TYLVSPFGGWLADALLGKFGTILLSMALYLLGMLAFPVIAAPHTRQGLCGDIPLYPVENCSSPATNATLAPCSQVGTTRY
CAAATFVGLVLVGLGVGSVKANITPFGADQVKDRGPEATRRFFNWFYWSINLGAILSLGGIAYIQQNVSFVIGYSIPAIC
IGISFMVFLCGQSFFITKPPDGSAFTDMFKILAYSCCSRKRHMEHSTNSEGQGVLQQPRKQSLFEMAKLSRGGPFREDKV
EDVKALVKIIPVFLALIPYWTVYFQMQTTYVLQSLHLKIPEIANDTNSVHTFPAAWLTMFDAVLILILIPLKDKLVDPVL
KRNGLLPSSLKRIAVGMFFVMCSAFAAGILESNRLKIVKVKTINQTIGNVTYHAADMPIWWQIPQYVLIGFSEIFASIAG
LEFAYSAAPKSMQSAIMGLFFFFSGIGSFVGSGLLALVSIKEIGWMSNHTDFGNINGCQLNYYFFLLAAIQGATLLLFLI
VSVKYDHQKSKMNDVAANGRI
;
B
2 'polypeptide(L)'
;QVQLVESGGGSVQAGGSLRLSCAASGDIETIWYLGWFRQAPGKEREGVAALSTVTGSTYYADSVKGRFTVSLDNAKNTVY
LQMNSLKPEDTALYYCAAAYTGWMAPLWQWVYSYWGQGTQVTVS
;
A,C
#
# COMPACT_ATOMS: atom_id res chain seq x y z
N GLY A 19 13.07 -2.01 -16.51
CA GLY A 19 11.75 -2.47 -16.12
C GLY A 19 10.93 -3.00 -17.27
N ARG A 20 10.87 -2.23 -18.36
CA ARG A 20 10.14 -2.61 -19.56
C ARG A 20 11.07 -2.57 -20.75
N ALA A 21 10.94 -3.57 -21.62
CA ALA A 21 11.69 -3.55 -22.86
C ALA A 21 11.22 -2.41 -23.74
N ALA A 22 12.06 -2.02 -24.70
CA ALA A 22 11.69 -0.92 -25.59
C ALA A 22 10.43 -1.25 -26.38
N ILE A 23 10.35 -2.46 -26.93
CA ILE A 23 9.21 -2.81 -27.78
C ILE A 23 7.95 -2.90 -26.92
N GLY A 24 6.88 -2.28 -27.40
CA GLY A 24 5.59 -2.41 -26.74
C GLY A 24 5.50 -1.76 -25.39
N ALA A 25 6.37 -0.80 -25.08
CA ALA A 25 6.31 -0.18 -23.77
C ALA A 25 5.01 0.60 -23.58
N PHE A 26 4.56 1.30 -24.62
CA PHE A 26 3.38 2.16 -24.46
C PHE A 26 2.16 1.33 -24.08
N HIS A 27 1.99 0.18 -24.71
CA HIS A 27 0.85 -0.68 -24.39
C HIS A 27 1.05 -1.46 -23.09
N GLY A 28 2.28 -1.56 -22.60
CA GLY A 28 2.54 -2.25 -21.36
C GLY A 28 2.35 -1.43 -20.11
N ARG A 29 2.11 -0.12 -20.25
CA ARG A 29 1.80 0.74 -19.11
C ARG A 29 0.42 1.35 -19.21
N ARG A 30 -0.39 0.92 -20.18
CA ARG A 30 -1.82 1.18 -20.14
C ARG A 30 -2.62 -0.03 -19.67
N LEU A 31 -2.06 -1.23 -19.80
CA LEU A 31 -2.65 -2.41 -19.19
C LEU A 31 -2.08 -2.69 -17.81
N ALA A 32 -1.09 -1.91 -17.36
CA ALA A 32 -0.62 -1.99 -16.00
C ALA A 32 -1.20 -0.90 -15.11
N CYS A 33 -1.76 0.15 -15.71
CA CYS A 33 -2.51 1.15 -14.97
C CYS A 33 -4.01 1.00 -15.13
N ALA A 34 -4.49 0.20 -16.07
CA ALA A 34 -5.90 -0.14 -16.12
C ALA A 34 -6.25 -1.18 -15.08
N ALA A 35 -5.33 -2.09 -14.78
CA ALA A 35 -5.60 -3.13 -13.78
C ALA A 35 -5.50 -2.57 -12.37
N VAL A 36 -4.55 -1.68 -12.11
CA VAL A 36 -4.41 -1.11 -10.78
C VAL A 36 -5.54 -0.13 -10.48
N LEU A 37 -6.03 0.58 -11.50
CA LEU A 37 -7.13 1.51 -11.30
C LEU A 37 -8.49 0.83 -11.32
N LEU A 38 -8.60 -0.36 -11.92
CA LEU A 38 -9.83 -1.13 -11.86
C LEU A 38 -9.84 -2.10 -10.69
N ALA A 39 -8.74 -2.24 -9.96
CA ALA A 39 -8.73 -2.99 -8.72
C ALA A 39 -8.78 -2.10 -7.49
N GLU A 40 -8.80 -0.77 -7.67
CA GLU A 40 -9.09 0.16 -6.58
C GLU A 40 -10.50 0.70 -6.66
N LEU A 41 -11.13 0.63 -7.84
CA LEU A 41 -12.55 0.96 -7.95
C LEU A 41 -13.40 -0.17 -7.39
N LEU A 42 -12.92 -1.41 -7.46
CA LEU A 42 -13.66 -2.55 -6.94
C LEU A 42 -13.26 -2.92 -5.52
N GLU A 43 -12.07 -2.56 -5.07
CA GLU A 43 -11.74 -2.67 -3.66
C GLU A 43 -12.36 -1.56 -2.85
N ARG A 44 -12.88 -0.52 -3.50
CA ARG A 44 -13.51 0.61 -2.83
C ARG A 44 -15.03 0.54 -2.88
N VAL A 45 -15.60 0.00 -3.96
CA VAL A 45 -17.02 -0.27 -4.02
C VAL A 45 -17.45 -1.34 -3.04
N ALA A 46 -16.50 -2.06 -2.45
CA ALA A 46 -16.78 -3.06 -1.44
C ALA A 46 -16.38 -2.63 -0.04
N PHE A 47 -15.94 -1.38 0.12
CA PHE A 47 -15.67 -0.80 1.42
C PHE A 47 -16.78 0.11 1.89
N TYR A 48 -17.44 0.81 0.97
CA TYR A 48 -18.65 1.55 1.31
C TYR A 48 -19.89 0.67 1.32
N GLY A 49 -19.81 -0.53 0.76
CA GLY A 49 -20.92 -1.45 0.86
C GLY A 49 -21.16 -1.93 2.28
N ILE A 50 -20.10 -2.09 3.06
CA ILE A 50 -20.20 -2.53 4.45
C ILE A 50 -20.21 -1.36 5.41
N THR A 51 -19.42 -0.32 5.13
CA THR A 51 -19.29 0.83 6.02
C THR A 51 -20.52 1.73 6.03
N SER A 52 -21.29 1.76 4.95
CA SER A 52 -22.29 2.82 4.77
C SER A 52 -23.53 2.55 5.62
N ASN A 53 -24.23 1.45 5.35
CA ASN A 53 -25.44 1.10 6.09
C ASN A 53 -25.17 -0.05 7.06
N LEU A 54 -24.31 0.21 8.03
CA LEU A 54 -23.99 -0.77 9.06
C LEU A 54 -24.81 -0.57 10.33
N VAL A 55 -24.77 0.63 10.91
CA VAL A 55 -25.53 0.90 12.11
C VAL A 55 -27.02 0.66 11.85
N LEU A 56 -27.49 1.04 10.67
CA LEU A 56 -28.89 0.79 10.32
C LEU A 56 -29.18 -0.71 10.26
N PHE A 57 -28.25 -1.48 9.71
CA PHE A 57 -28.48 -2.92 9.59
C PHE A 57 -28.60 -3.56 10.97
N LEU A 58 -27.73 -3.18 11.90
CA LEU A 58 -27.71 -3.84 13.21
C LEU A 58 -28.95 -3.50 14.03
N ASN A 59 -29.49 -2.29 13.91
CA ASN A 59 -30.69 -1.93 14.65
C ASN A 59 -31.92 -2.45 13.93
N GLY A 60 -31.94 -3.75 13.62
CA GLY A 60 -33.03 -4.34 12.89
C GLY A 60 -33.94 -5.14 13.79
N PRO A 61 -35.03 -5.66 13.24
CA PRO A 61 -35.97 -6.43 14.06
C PRO A 61 -35.29 -7.62 14.71
N PRO A 62 -34.35 -8.29 14.02
CA PRO A 62 -33.63 -9.38 14.67
C PRO A 62 -32.27 -8.95 15.21
N ASP A 64 -30.52 -6.73 17.31
CA ASP A 64 -31.25 -5.67 18.01
C ASP A 64 -30.31 -4.80 18.82
N TRP A 65 -29.17 -4.46 18.24
CA TRP A 65 -28.18 -3.67 18.96
C TRP A 65 -28.72 -2.28 19.25
N GLU A 66 -28.16 -1.64 20.28
CA GLU A 66 -28.55 -0.30 20.66
C GLU A 66 -27.80 0.73 19.84
N GLY A 67 -28.10 2.01 20.09
CA GLY A 67 -27.43 3.06 19.34
C GLY A 67 -25.94 3.13 19.63
N ALA A 68 -25.56 3.03 20.91
CA ALA A 68 -24.15 3.11 21.26
C ALA A 68 -23.39 1.88 20.77
N GLN A 69 -23.96 0.68 20.96
CA GLN A 69 -23.25 -0.53 20.59
C GLN A 69 -22.97 -0.59 19.10
N ALA A 70 -23.96 -0.21 18.27
CA ALA A 70 -23.80 -0.36 16.83
C ALA A 70 -22.67 0.52 16.31
N SER A 71 -22.56 1.76 16.80
CA SER A 71 -21.52 2.65 16.33
C SER A 71 -20.14 2.16 16.72
N GLN A 72 -19.99 1.64 17.95
CA GLN A 72 -18.68 1.19 18.41
C GLN A 72 -18.13 0.05 17.56
N ALA A 73 -18.98 -0.65 16.82
CA ALA A 73 -18.47 -1.62 15.86
C ALA A 73 -17.95 -0.93 14.61
N LEU A 74 -18.49 0.25 14.29
CA LEU A 74 -18.02 1.03 13.15
C LEU A 74 -16.86 1.96 13.50
N LEU A 75 -16.52 2.07 14.77
CA LEU A 75 -15.35 2.83 15.19
C LEU A 75 -14.17 1.92 15.50
N LEU A 76 -14.43 0.69 15.92
CA LEU A 76 -13.37 -0.31 16.02
C LEU A 76 -12.95 -0.79 14.64
N PHE A 77 -13.91 -0.92 13.72
CA PHE A 77 -13.58 -1.37 12.38
C PHE A 77 -12.67 -0.38 11.67
N MET A 78 -12.93 0.92 11.84
CA MET A 78 -12.03 1.91 11.25
C MET A 78 -10.71 1.97 11.99
N GLY A 79 -10.72 1.78 13.30
CA GLY A 79 -9.47 1.82 14.05
C GLY A 79 -8.48 0.78 13.57
N ILE A 80 -8.96 -0.41 13.24
CA ILE A 80 -8.08 -1.45 12.72
C ILE A 80 -7.52 -1.05 11.37
N THR A 81 -8.33 -0.36 10.56
CA THR A 81 -7.91 -0.01 9.21
C THR A 81 -6.68 0.89 9.22
N TYR A 82 -6.65 1.87 10.12
CA TYR A 82 -5.50 2.78 10.19
C TYR A 82 -4.32 2.13 10.88
N LEU A 83 -4.57 1.27 11.87
CA LEU A 83 -3.51 0.76 12.72
C LEU A 83 -2.78 -0.44 12.13
N VAL A 84 -3.23 -0.96 10.98
CA VAL A 84 -2.58 -2.09 10.34
C VAL A 84 -1.92 -1.69 9.03
N SER A 85 -1.84 -0.38 8.74
CA SER A 85 -1.16 0.05 7.52
C SER A 85 0.35 -0.06 7.67
N PRO A 86 0.99 0.61 8.64
CA PRO A 86 2.45 0.47 8.74
C PRO A 86 2.91 -0.96 8.87
N PHE A 87 2.18 -1.80 9.61
CA PHE A 87 2.54 -3.20 9.73
C PHE A 87 2.17 -4.01 8.50
N GLY A 88 1.20 -3.56 7.71
CA GLY A 88 0.97 -4.13 6.41
C GLY A 88 1.90 -3.62 5.33
N GLY A 89 2.75 -2.65 5.66
CA GLY A 89 3.76 -2.16 4.76
C GLY A 89 5.10 -2.79 5.04
N TRP A 90 5.49 -2.85 6.32
CA TRP A 90 6.72 -3.54 6.68
C TRP A 90 6.73 -4.96 6.15
N LEU A 91 5.57 -5.61 6.14
CA LEU A 91 5.48 -6.97 5.62
C LEU A 91 5.70 -7.00 4.12
N ALA A 92 5.44 -5.90 3.42
CA ALA A 92 5.57 -5.87 1.97
C ALA A 92 7.00 -5.61 1.53
N ASP A 93 7.77 -4.88 2.34
CA ASP A 93 9.14 -4.52 1.99
C ASP A 93 10.18 -5.41 2.67
N ALA A 94 9.76 -6.44 3.38
CA ALA A 94 10.71 -7.30 4.09
C ALA A 94 10.57 -8.77 3.73
N LEU A 95 9.34 -9.25 3.48
CA LEU A 95 9.14 -10.67 3.20
C LEU A 95 8.58 -10.94 1.81
N LEU A 96 7.44 -10.35 1.46
CA LEU A 96 6.66 -10.82 0.32
C LEU A 96 6.77 -9.93 -0.92
N GLY A 97 6.88 -8.62 -0.75
CA GLY A 97 6.83 -7.73 -1.90
C GLY A 97 5.42 -7.21 -2.12
N LYS A 98 5.33 -6.12 -2.89
CA LYS A 98 4.06 -5.44 -3.04
C LYS A 98 3.04 -6.31 -3.77
N PHE A 99 3.47 -7.09 -4.75
CA PHE A 99 2.51 -7.90 -5.48
C PHE A 99 2.03 -9.09 -4.65
N GLY A 100 2.94 -9.79 -3.99
CA GLY A 100 2.54 -10.96 -3.23
C GLY A 100 1.62 -10.63 -2.08
N THR A 101 1.88 -9.52 -1.39
CA THR A 101 1.12 -9.18 -0.20
C THR A 101 -0.25 -8.60 -0.53
N ILE A 102 -0.43 -8.01 -1.71
CA ILE A 102 -1.75 -7.51 -2.07
C ILE A 102 -2.70 -8.67 -2.36
N LEU A 103 -2.21 -9.73 -3.01
CA LEU A 103 -3.03 -10.91 -3.20
C LEU A 103 -3.39 -11.55 -1.86
N LEU A 104 -2.45 -11.58 -0.92
CA LEU A 104 -2.74 -12.11 0.41
C LEU A 104 -3.82 -11.28 1.09
N SER A 105 -3.71 -9.95 1.01
CA SER A 105 -4.65 -9.08 1.70
C SER A 105 -6.06 -9.23 1.13
N MET A 106 -6.20 -9.26 -0.19
CA MET A 106 -7.52 -9.41 -0.78
C MET A 106 -8.13 -10.78 -0.51
N ALA A 107 -7.35 -11.75 -0.03
CA ALA A 107 -7.93 -13.02 0.39
C ALA A 107 -8.68 -12.86 1.70
N LEU A 108 -8.08 -12.16 2.66
CA LEU A 108 -8.81 -11.83 3.88
C LEU A 108 -9.98 -10.91 3.59
N TYR A 109 -9.73 -9.85 2.81
CA TYR A 109 -10.78 -8.90 2.48
C TYR A 109 -12.01 -9.61 1.94
N LEU A 110 -11.81 -10.65 1.13
CA LEU A 110 -12.93 -11.43 0.63
C LEU A 110 -13.44 -12.41 1.68
N LEU A 111 -12.53 -13.05 2.41
CA LEU A 111 -12.95 -14.06 3.38
C LEU A 111 -13.79 -13.44 4.48
N GLY A 112 -13.41 -12.26 4.95
CA GLY A 112 -14.24 -11.56 5.93
C GLY A 112 -15.56 -11.11 5.35
N MET A 113 -15.57 -10.70 4.08
CA MET A 113 -16.77 -10.15 3.47
C MET A 113 -17.84 -11.22 3.22
N LEU A 114 -17.51 -12.50 3.40
CA LEU A 114 -18.49 -13.56 3.23
C LEU A 114 -19.30 -13.84 4.50
N ALA A 115 -18.94 -13.22 5.62
CA ALA A 115 -19.71 -13.43 6.83
C ALA A 115 -21.05 -12.68 6.77
N PHE A 116 -21.05 -11.47 6.22
CA PHE A 116 -22.25 -10.64 6.26
C PHE A 116 -23.40 -11.23 5.46
N PRO A 117 -23.23 -11.66 4.21
CA PRO A 117 -24.38 -12.26 3.50
C PRO A 117 -24.98 -13.43 4.26
N VAL A 118 -24.14 -14.25 4.88
CA VAL A 118 -24.64 -15.39 5.65
C VAL A 118 -25.44 -14.90 6.86
N ILE A 119 -24.93 -13.89 7.56
CA ILE A 119 -25.63 -13.39 8.74
C ILE A 119 -27.01 -12.85 8.36
N ALA A 120 -27.07 -12.08 7.27
CA ALA A 120 -28.34 -11.44 6.90
C ALA A 120 -29.38 -12.48 6.51
N ALA A 121 -28.98 -13.50 5.78
CA ALA A 121 -29.94 -14.47 5.24
C ALA A 121 -30.62 -15.24 6.37
N PRO A 122 -31.96 -15.23 6.47
CA PRO A 122 -32.60 -15.98 7.55
C PRO A 122 -32.31 -17.47 7.52
N HIS A 123 -32.09 -18.05 6.34
CA HIS A 123 -31.83 -19.48 6.28
C HIS A 123 -30.58 -19.86 7.06
N THR A 124 -29.47 -19.18 6.79
CA THR A 124 -28.19 -19.51 7.40
C THR A 124 -27.83 -18.60 8.57
N ARG A 125 -28.68 -17.63 8.91
CA ARG A 125 -28.38 -16.75 10.03
C ARG A 125 -28.27 -17.52 11.32
N GLN A 126 -29.19 -18.47 11.55
CA GLN A 126 -29.18 -19.22 12.79
C GLN A 126 -27.90 -20.04 12.94
N GLY A 127 -27.46 -20.67 11.85
CA GLY A 127 -26.28 -21.52 11.93
C GLY A 127 -25.04 -20.76 12.38
N LEU A 128 -24.86 -19.54 11.87
CA LEU A 128 -23.66 -18.77 12.16
C LEU A 128 -23.83 -17.91 13.42
N CYS A 129 -24.89 -17.11 13.48
CA CYS A 129 -25.14 -16.32 14.67
C CYS A 129 -25.35 -17.21 15.89
N GLY A 130 -26.12 -18.29 15.72
CA GLY A 130 -26.42 -19.22 16.79
C GLY A 130 -27.92 -19.37 16.94
N ASP A 131 -28.32 -19.87 18.10
CA ASP A 131 -29.74 -20.04 18.39
C ASP A 131 -30.44 -18.69 18.46
N ILE A 132 -31.62 -18.62 17.83
CA ILE A 132 -32.38 -17.36 17.87
C ILE A 132 -32.79 -17.06 19.31
N PRO A 133 -32.74 -15.81 19.77
CA PRO A 133 -33.10 -15.53 21.16
C PRO A 133 -34.60 -15.65 21.39
N LEU A 134 -35.10 -16.88 21.45
CA LEU A 134 -36.53 -17.11 21.64
C LEU A 134 -36.89 -16.99 23.12
N TYR A 160 -26.97 -9.49 19.94
CA TYR A 160 -27.19 -10.75 19.25
C TYR A 160 -26.31 -10.86 18.00
N CYS A 161 -25.83 -12.08 17.74
CA CYS A 161 -24.93 -12.33 16.61
C CYS A 161 -23.65 -11.51 16.71
N ALA A 162 -23.19 -11.24 17.92
CA ALA A 162 -21.97 -10.46 18.09
C ALA A 162 -20.74 -11.23 17.65
N ALA A 163 -20.75 -12.55 17.79
CA ALA A 163 -19.58 -13.33 17.45
C ALA A 163 -19.26 -13.25 15.96
N ALA A 164 -20.28 -13.39 15.12
CA ALA A 164 -20.03 -13.44 13.68
C ALA A 164 -19.75 -12.06 13.09
N THR A 165 -20.24 -10.99 13.72
CA THR A 165 -20.00 -9.66 13.18
C THR A 165 -18.56 -9.23 13.39
N PHE A 166 -17.99 -9.50 14.55
CA PHE A 166 -16.65 -9.01 14.84
C PHE A 166 -15.58 -9.79 14.09
N VAL A 167 -15.72 -11.12 14.01
CA VAL A 167 -14.78 -11.89 13.22
C VAL A 167 -14.89 -11.49 11.76
N GLY A 168 -16.09 -11.14 11.30
CA GLY A 168 -16.24 -10.63 9.95
C GLY A 168 -15.63 -9.26 9.77
N LEU A 169 -15.77 -8.38 10.77
CA LEU A 169 -15.27 -7.02 10.63
C LEU A 169 -13.75 -6.95 10.78
N VAL A 170 -13.18 -7.76 11.66
CA VAL A 170 -11.74 -7.71 11.88
C VAL A 170 -11.00 -8.10 10.60
N LEU A 171 -11.42 -9.20 9.97
CA LEU A 171 -10.74 -9.64 8.75
C LEU A 171 -10.88 -8.60 7.64
N VAL A 172 -12.05 -7.99 7.50
CA VAL A 172 -12.21 -6.92 6.52
C VAL A 172 -11.40 -5.70 6.94
N GLY A 173 -11.26 -5.47 8.24
CA GLY A 173 -10.44 -4.36 8.71
C GLY A 173 -8.98 -4.55 8.39
N LEU A 174 -8.50 -5.80 8.45
CA LEU A 174 -7.11 -6.09 8.10
C LEU A 174 -6.89 -5.97 6.60
N GLY A 175 -7.86 -6.40 5.80
CA GLY A 175 -7.68 -6.38 4.36
C GLY A 175 -7.58 -4.98 3.78
N VAL A 176 -8.40 -4.06 4.28
CA VAL A 176 -8.43 -2.72 3.70
C VAL A 176 -7.32 -1.82 4.23
N GLY A 177 -6.68 -2.18 5.33
CA GLY A 177 -5.57 -1.39 5.81
C GLY A 177 -4.24 -1.76 5.21
N SER A 178 -4.15 -2.94 4.60
CA SER A 178 -2.94 -3.43 3.97
C SER A 178 -2.98 -3.34 2.46
N VAL A 179 -4.16 -3.43 1.85
CA VAL A 179 -4.29 -3.14 0.43
C VAL A 179 -4.14 -1.66 0.16
N LYS A 180 -4.52 -0.83 1.14
CA LYS A 180 -4.51 0.60 0.93
C LYS A 180 -3.12 1.21 1.05
N ALA A 181 -2.15 0.46 1.57
CA ALA A 181 -0.78 0.92 1.67
C ALA A 181 0.13 0.31 0.62
N ASN A 182 -0.31 -0.73 -0.07
CA ASN A 182 0.50 -1.41 -1.07
C ASN A 182 0.06 -1.20 -2.50
N ILE A 183 -1.18 -0.77 -2.73
CA ILE A 183 -1.61 -0.46 -4.09
C ILE A 183 -1.22 0.95 -4.51
N THR A 184 -0.97 1.85 -3.58
CA THR A 184 -0.67 3.22 -3.95
C THR A 184 0.77 3.38 -4.42
N PRO A 185 1.77 2.75 -3.78
CA PRO A 185 3.12 2.80 -4.33
C PRO A 185 3.31 1.81 -5.47
N PHE A 186 2.63 0.67 -5.37
CA PHE A 186 2.71 -0.33 -6.44
C PHE A 186 2.11 0.20 -7.73
N GLY A 187 1.02 0.96 -7.63
CA GLY A 187 0.44 1.52 -8.83
C GLY A 187 1.36 2.52 -9.51
N ALA A 188 2.00 3.40 -8.72
CA ALA A 188 2.81 4.47 -9.27
C ALA A 188 4.20 4.03 -9.68
N ASP A 189 4.60 2.79 -9.38
CA ASP A 189 5.87 2.26 -9.86
C ASP A 189 5.80 1.83 -11.31
N GLN A 190 4.60 1.56 -11.83
CA GLN A 190 4.49 1.16 -13.23
C GLN A 190 4.91 2.30 -14.15
N VAL A 191 4.57 3.54 -13.79
CA VAL A 191 4.78 4.68 -14.66
C VAL A 191 5.97 5.54 -14.22
N LYS A 192 6.70 5.12 -13.19
CA LYS A 192 7.81 5.93 -12.69
C LYS A 192 8.91 6.10 -13.72
N ASP A 193 8.95 5.26 -14.76
CA ASP A 193 10.00 5.36 -15.75
C ASP A 193 9.94 6.65 -16.57
N ARG A 194 8.84 7.39 -16.51
CA ARG A 194 8.65 8.58 -17.33
C ARG A 194 8.78 9.86 -16.53
N GLY A 195 9.51 9.82 -15.42
CA GLY A 195 9.80 11.00 -14.64
C GLY A 195 8.64 11.41 -13.75
N PRO A 196 8.86 12.43 -12.92
CA PRO A 196 7.79 12.85 -12.00
C PRO A 196 6.56 13.41 -12.69
N GLU A 197 6.65 13.77 -13.98
CA GLU A 197 5.47 14.26 -14.67
C GLU A 197 4.42 13.16 -14.81
N ALA A 198 4.86 11.92 -15.00
CA ALA A 198 3.92 10.82 -15.19
C ALA A 198 3.43 10.26 -13.87
N THR A 199 4.21 10.37 -12.80
CA THR A 199 3.71 9.94 -11.49
C THR A 199 2.55 10.81 -11.04
N ARG A 200 2.66 12.12 -11.23
CA ARG A 200 1.58 13.02 -10.84
C ARG A 200 0.32 12.75 -11.67
N ARG A 201 0.48 12.53 -12.96
CA ARG A 201 -0.67 12.21 -13.80
C ARG A 201 -1.32 10.90 -13.44
N PHE A 202 -0.68 10.08 -12.61
CA PHE A 202 -1.29 8.84 -12.18
C PHE A 202 -2.17 9.08 -10.95
N PHE A 203 -1.64 9.77 -9.95
CA PHE A 203 -2.42 10.01 -8.74
C PHE A 203 -3.63 10.89 -9.01
N ASN A 204 -3.65 11.65 -10.11
CA ASN A 204 -4.86 12.34 -10.49
C ASN A 204 -5.96 11.36 -10.86
N TRP A 205 -5.62 10.32 -11.62
CA TRP A 205 -6.59 9.32 -12.05
C TRP A 205 -6.64 8.12 -11.12
N PHE A 206 -5.84 8.09 -10.07
CA PHE A 206 -6.02 7.13 -9.00
C PHE A 206 -6.90 7.64 -7.90
N TYR A 207 -7.13 8.96 -7.85
CA TYR A 207 -8.05 9.57 -6.91
C TYR A 207 -9.39 9.89 -7.52
N TRP A 208 -9.47 9.96 -8.85
CA TRP A 208 -10.74 10.05 -9.55
C TRP A 208 -11.41 8.69 -9.68
N SER A 209 -10.68 7.61 -9.44
CA SER A 209 -11.24 6.28 -9.49
C SER A 209 -11.64 5.77 -8.13
N ILE A 210 -11.01 6.26 -7.07
CA ILE A 210 -11.45 5.96 -5.71
C ILE A 210 -12.72 6.73 -5.38
N ASN A 211 -12.87 7.94 -5.94
CA ASN A 211 -14.09 8.72 -5.73
C ASN A 211 -15.21 8.29 -6.66
N LEU A 212 -14.90 7.51 -7.70
CA LEU A 212 -15.95 6.91 -8.51
C LEU A 212 -16.47 5.62 -7.90
N GLY A 213 -15.80 5.10 -6.87
CA GLY A 213 -16.36 3.98 -6.13
C GLY A 213 -17.27 4.42 -5.02
N ALA A 214 -17.05 5.61 -4.47
CA ALA A 214 -17.97 6.14 -3.47
C ALA A 214 -19.33 6.45 -4.09
N ILE A 215 -19.34 7.09 -5.26
CA ILE A 215 -20.61 7.44 -5.90
C ILE A 215 -21.32 6.19 -6.38
N LEU A 216 -20.58 5.17 -6.78
CA LEU A 216 -21.18 3.94 -7.28
C LEU A 216 -21.69 3.06 -6.15
N SER A 217 -21.09 3.14 -4.97
CA SER A 217 -21.45 2.30 -3.83
C SER A 217 -22.42 2.99 -2.89
N LEU A 218 -22.15 4.25 -2.53
CA LEU A 218 -23.08 4.99 -1.71
C LEU A 218 -24.40 5.27 -2.44
N GLY A 219 -24.40 5.21 -3.75
CA GLY A 219 -25.61 5.48 -4.51
C GLY A 219 -26.34 4.24 -4.93
N GLY A 220 -25.62 3.26 -5.48
CA GLY A 220 -26.25 2.06 -5.96
C GLY A 220 -26.51 1.04 -4.88
N ILE A 221 -25.46 0.59 -4.20
CA ILE A 221 -25.60 -0.47 -3.20
C ILE A 221 -26.47 0.00 -2.04
N ALA A 222 -26.25 1.23 -1.57
CA ALA A 222 -26.99 1.70 -0.41
C ALA A 222 -28.50 1.67 -0.66
N TYR A 223 -28.93 2.04 -1.87
CA TYR A 223 -30.35 1.97 -2.19
C TYR A 223 -30.85 0.54 -2.17
N ILE A 224 -30.05 -0.39 -2.69
CA ILE A 224 -30.47 -1.79 -2.73
C ILE A 224 -30.56 -2.36 -1.32
N GLN A 225 -29.66 -1.95 -0.43
CA GLN A 225 -29.63 -2.53 0.91
C GLN A 225 -30.87 -2.16 1.70
N GLN A 226 -31.21 -0.87 1.75
CA GLN A 226 -32.35 -0.46 2.56
C GLN A 226 -33.66 -1.04 2.03
N ASN A 227 -33.90 -0.90 0.74
CA ASN A 227 -35.22 -1.13 0.17
C ASN A 227 -35.38 -2.55 -0.37
N VAL A 228 -34.54 -2.96 -1.31
CA VAL A 228 -34.70 -4.27 -1.93
C VAL A 228 -34.53 -5.37 -0.90
N SER A 229 -33.34 -5.49 -0.34
CA SER A 229 -33.05 -6.53 0.64
C SER A 229 -31.63 -6.32 1.15
N PHE A 230 -31.27 -7.09 2.18
CA PHE A 230 -29.91 -7.06 2.71
C PHE A 230 -29.06 -8.25 2.28
N VAL A 231 -29.69 -9.37 1.92
CA VAL A 231 -28.92 -10.48 1.36
C VAL A 231 -28.37 -10.09 -0.01
N ILE A 232 -29.20 -9.47 -0.84
CA ILE A 232 -28.73 -8.99 -2.13
C ILE A 232 -27.82 -7.78 -1.96
N GLY A 233 -28.14 -6.92 -1.01
CA GLY A 233 -27.35 -5.71 -0.83
C GLY A 233 -25.93 -6.00 -0.38
N TYR A 234 -25.75 -6.98 0.50
CA TYR A 234 -24.45 -7.34 1.01
C TYR A 234 -23.74 -8.39 0.16
N SER A 235 -24.38 -8.89 -0.89
CA SER A 235 -23.76 -9.88 -1.76
C SER A 235 -22.99 -9.24 -2.89
N ILE A 236 -23.38 -8.04 -3.35
CA ILE A 236 -22.61 -7.36 -4.38
C ILE A 236 -21.24 -6.95 -3.87
N PRO A 237 -21.08 -6.38 -2.67
CA PRO A 237 -19.73 -6.08 -2.18
C PRO A 237 -18.83 -7.31 -2.09
N ALA A 238 -19.38 -8.47 -1.75
CA ALA A 238 -18.55 -9.68 -1.70
C ALA A 238 -18.14 -10.11 -3.10
N ILE A 239 -19.04 -9.96 -4.08
CA ILE A 239 -18.70 -10.29 -5.46
C ILE A 239 -17.71 -9.30 -6.03
N CYS A 240 -17.87 -8.01 -5.72
CA CYS A 240 -16.98 -7.01 -6.29
C CYS A 240 -15.54 -7.27 -5.90
N ILE A 241 -15.28 -7.57 -4.63
CA ILE A 241 -13.91 -7.86 -4.24
C ILE A 241 -13.43 -9.16 -4.87
N GLY A 242 -14.35 -10.07 -5.21
CA GLY A 242 -13.94 -11.28 -5.89
C GLY A 242 -13.35 -11.00 -7.26
N ILE A 243 -13.95 -10.06 -7.99
CA ILE A 243 -13.45 -9.71 -9.31
C ILE A 243 -12.11 -8.98 -9.19
N SER A 244 -11.95 -8.17 -8.15
CA SER A 244 -10.70 -7.42 -7.99
C SER A 244 -9.52 -8.34 -7.76
N PHE A 245 -9.73 -9.44 -7.03
CA PHE A 245 -8.66 -10.41 -6.84
C PHE A 245 -8.27 -11.05 -8.15
N MET A 246 -9.25 -11.33 -9.01
CA MET A 246 -8.97 -12.02 -10.27
C MET A 246 -8.32 -11.08 -11.28
N VAL A 247 -8.81 -9.84 -11.40
CA VAL A 247 -8.24 -8.91 -12.36
C VAL A 247 -6.80 -8.59 -11.99
N PHE A 248 -6.52 -8.43 -10.71
CA PHE A 248 -5.15 -8.18 -10.26
C PHE A 248 -4.26 -9.38 -10.56
N LEU A 249 -4.75 -10.58 -10.31
CA LEU A 249 -3.94 -11.77 -10.57
C LEU A 249 -3.72 -12.00 -12.06
N CYS A 250 -4.76 -11.80 -12.87
CA CYS A 250 -4.65 -12.08 -14.29
C CYS A 250 -3.61 -11.19 -14.96
N GLY A 251 -3.55 -9.92 -14.57
CA GLY A 251 -2.59 -9.01 -15.16
C GLY A 251 -1.21 -9.11 -14.54
N GLN A 252 -0.81 -10.32 -14.14
CA GLN A 252 0.47 -10.48 -13.46
C GLN A 252 1.66 -10.25 -14.38
N SER A 253 1.45 -10.27 -15.70
CA SER A 253 2.55 -10.13 -16.65
C SER A 253 2.79 -8.69 -17.09
N PHE A 254 1.84 -7.79 -16.88
CA PHE A 254 2.04 -6.38 -17.22
C PHE A 254 2.93 -5.70 -16.19
N PHE A 255 2.73 -6.00 -14.91
CA PHE A 255 3.38 -5.26 -13.85
C PHE A 255 4.89 -5.48 -13.87
N ILE A 256 5.62 -4.48 -13.39
CA ILE A 256 7.06 -4.61 -13.14
C ILE A 256 7.25 -4.57 -11.63
N THR A 257 7.87 -5.61 -11.09
CA THR A 257 7.99 -5.79 -9.65
C THR A 257 9.45 -5.94 -9.27
N LYS A 258 9.73 -5.71 -7.99
CA LYS A 258 11.07 -5.80 -7.46
C LYS A 258 11.08 -6.74 -6.26
N PRO A 259 12.12 -7.56 -6.11
CA PRO A 259 12.14 -8.50 -4.99
C PRO A 259 12.27 -7.75 -3.68
N PRO A 260 11.70 -8.27 -2.60
CA PRO A 260 11.85 -7.61 -1.30
C PRO A 260 13.29 -7.65 -0.82
N ASP A 261 13.67 -6.65 -0.04
CA ASP A 261 15.02 -6.52 0.51
C ASP A 261 14.88 -6.28 2.01
N GLY A 262 14.92 -7.36 2.78
CA GLY A 262 14.72 -7.25 4.22
C GLY A 262 15.87 -6.58 4.95
N SER A 263 17.07 -6.63 4.39
CA SER A 263 18.23 -6.04 5.05
C SER A 263 18.14 -4.52 5.15
N ALA A 264 17.19 -3.89 4.44
CA ALA A 264 17.03 -2.45 4.55
C ALA A 264 16.63 -2.05 5.96
N PHE A 265 15.66 -2.76 6.55
CA PHE A 265 15.21 -2.43 7.89
C PHE A 265 16.21 -2.86 8.95
N THR A 266 16.76 -4.07 8.83
CA THR A 266 17.72 -4.54 9.83
C THR A 266 18.88 -3.58 9.98
N ASP A 267 19.41 -3.07 8.87
CA ASP A 267 20.44 -2.05 8.94
C ASP A 267 19.91 -0.77 9.56
N MET A 268 18.68 -0.37 9.19
CA MET A 268 18.16 0.90 9.67
C MET A 268 18.05 0.92 11.19
N PHE A 269 17.55 -0.16 11.79
CA PHE A 269 17.44 -0.20 13.23
C PHE A 269 18.81 -0.13 13.89
N LYS A 270 19.80 -0.83 13.32
CA LYS A 270 21.14 -0.79 13.90
C LYS A 270 21.71 0.62 13.88
N ILE A 271 21.47 1.37 12.81
CA ILE A 271 21.95 2.75 12.76
C ILE A 271 21.39 3.54 13.94
N LEU A 272 20.10 3.37 14.23
CA LEU A 272 19.52 4.09 15.35
C LEU A 272 20.16 3.67 16.67
N ALA A 273 20.39 2.37 16.86
CA ALA A 273 21.01 1.90 18.08
C ALA A 273 22.41 2.47 18.24
N TYR A 274 23.20 2.45 17.17
CA TYR A 274 24.57 2.97 17.25
C TYR A 274 24.56 4.45 17.58
N SER A 275 23.66 5.22 16.97
CA SER A 275 23.66 6.66 17.17
C SER A 275 23.14 7.03 18.55
N CYS A 276 22.05 6.42 18.99
CA CYS A 276 21.43 6.82 20.25
C CYS A 276 22.20 6.28 21.45
N CYS A 277 22.79 5.09 21.33
CA CYS A 277 23.53 4.48 22.44
C CYS A 277 25.00 4.90 22.47
N SER A 278 25.43 5.75 21.55
CA SER A 278 26.81 6.24 21.53
C SER A 278 26.86 7.71 21.91
N GLN A 301 26.07 19.18 12.43
CA GLN A 301 25.93 17.90 11.76
C GLN A 301 24.89 17.03 12.46
N SER A 302 24.05 16.36 11.67
CA SER A 302 23.09 15.43 12.24
C SER A 302 23.84 14.26 12.89
N LEU A 303 23.28 13.75 13.99
CA LEU A 303 23.96 12.72 14.75
C LEU A 303 24.13 11.43 13.98
N PHE A 304 23.45 11.26 12.85
CA PHE A 304 23.59 10.06 12.04
C PHE A 304 24.84 10.08 11.16
N GLU A 305 25.58 11.18 11.15
CA GLU A 305 26.77 11.26 10.29
C GLU A 305 27.87 10.34 10.78
N MET A 306 28.00 10.14 12.10
CA MET A 306 29.08 9.32 12.62
C MET A 306 29.04 7.91 12.05
N ALA A 307 27.84 7.38 11.81
CA ALA A 307 27.73 5.99 11.38
C ALA A 307 28.45 5.71 10.08
N LYS A 308 28.67 6.72 9.25
CA LYS A 308 29.33 6.51 7.97
C LYS A 308 30.77 6.05 8.17
N LEU A 309 31.27 5.30 7.20
CA LEU A 309 32.68 4.90 7.22
C LEU A 309 33.60 6.11 7.16
N SER A 310 33.28 7.08 6.29
CA SER A 310 34.13 8.25 6.15
C SER A 310 34.31 8.96 7.49
N ARG A 311 33.31 8.91 8.35
CA ARG A 311 33.39 9.51 9.68
C ARG A 311 33.86 8.52 10.74
N GLY A 312 34.20 7.30 10.35
CA GLY A 312 34.72 6.30 11.26
C GLY A 312 33.70 5.26 11.70
N GLY A 313 32.44 5.39 11.31
CA GLY A 313 31.44 4.42 11.68
C GLY A 313 31.59 3.13 10.90
N PRO A 314 30.93 2.07 11.36
CA PRO A 314 31.04 0.76 10.69
C PRO A 314 30.01 0.50 9.60
N PHE A 315 29.27 1.51 9.14
CA PHE A 315 28.20 1.31 8.18
C PHE A 315 28.53 1.99 6.85
N ARG A 316 27.81 1.57 5.81
CA ARG A 316 27.99 2.14 4.49
C ARG A 316 27.60 3.61 4.48
N GLU A 317 27.80 4.27 3.34
CA GLU A 317 27.43 5.66 3.19
C GLU A 317 25.96 5.83 2.78
N ASP A 318 25.55 5.16 1.71
CA ASP A 318 24.18 5.31 1.24
C ASP A 318 23.17 4.80 2.25
N LYS A 319 23.56 3.83 3.09
CA LYS A 319 22.63 3.34 4.11
C LYS A 319 22.28 4.45 5.10
N VAL A 320 23.27 5.23 5.53
CA VAL A 320 22.98 6.32 6.45
C VAL A 320 22.09 7.37 5.80
N GLU A 321 22.17 7.51 4.49
CA GLU A 321 21.32 8.47 3.80
C GLU A 321 19.84 8.10 3.94
N ASP A 322 19.53 6.81 3.85
CA ASP A 322 18.13 6.40 4.00
C ASP A 322 17.63 6.70 5.40
N VAL A 323 18.47 6.51 6.42
CA VAL A 323 18.05 6.81 7.78
C VAL A 323 17.79 8.29 7.95
N LYS A 324 18.65 9.14 7.38
CA LYS A 324 18.43 10.57 7.48
C LYS A 324 17.26 11.03 6.63
N ALA A 325 16.77 10.20 5.71
CA ALA A 325 15.58 10.56 4.95
C ALA A 325 14.31 10.39 5.76
N LEU A 326 14.28 9.44 6.70
CA LEU A 326 13.12 9.26 7.55
C LEU A 326 13.04 10.31 8.65
N VAL A 327 14.18 10.83 9.11
CA VAL A 327 14.15 11.82 10.16
C VAL A 327 13.55 13.13 9.64
N LYS A 328 13.72 13.40 8.34
CA LYS A 328 13.20 14.63 7.77
C LYS A 328 11.75 14.51 7.34
N ILE A 329 11.33 13.33 6.88
CA ILE A 329 9.94 13.17 6.44
C ILE A 329 8.99 13.20 7.64
N ILE A 330 9.41 12.63 8.77
CA ILE A 330 8.50 12.49 9.91
C ILE A 330 7.95 13.84 10.38
N PRO A 331 8.76 14.87 10.59
CA PRO A 331 8.19 16.15 11.05
C PRO A 331 7.11 16.69 10.14
N VAL A 332 7.18 16.40 8.84
CA VAL A 332 6.14 16.89 7.93
C VAL A 332 4.82 16.17 8.17
N PHE A 333 4.87 14.86 8.43
CA PHE A 333 3.64 14.13 8.69
C PHE A 333 2.97 14.60 9.97
N LEU A 334 3.75 14.87 11.01
CA LEU A 334 3.17 15.33 12.26
C LEU A 334 2.52 16.70 12.13
N ALA A 335 2.86 17.47 11.09
CA ALA A 335 2.24 18.76 10.86
C ALA A 335 0.91 18.65 10.14
N LEU A 336 0.56 17.48 9.62
CA LEU A 336 -0.71 17.28 8.95
C LEU A 336 -1.79 16.70 9.86
N ILE A 337 -1.46 16.34 11.10
CA ILE A 337 -2.50 15.88 12.03
C ILE A 337 -3.55 16.96 12.25
N PRO A 338 -3.21 18.23 12.43
CA PRO A 338 -4.25 19.25 12.46
C PRO A 338 -5.05 19.36 11.17
N TYR A 339 -4.48 18.96 10.03
CA TYR A 339 -5.23 19.01 8.79
C TYR A 339 -6.26 17.90 8.72
N TRP A 340 -5.90 16.69 9.12
CA TRP A 340 -6.86 15.59 9.08
C TRP A 340 -7.95 15.78 10.13
N THR A 341 -7.60 16.32 11.30
CA THR A 341 -8.60 16.50 12.35
C THR A 341 -9.71 17.43 11.91
N VAL A 342 -9.36 18.52 11.24
CA VAL A 342 -10.34 19.52 10.83
C VAL A 342 -10.83 19.19 9.44
N TYR A 343 -10.60 17.95 9.01
CA TYR A 343 -11.11 17.46 7.75
C TYR A 343 -12.02 16.25 7.89
N PHE A 344 -11.82 15.42 8.90
CA PHE A 344 -12.77 14.36 9.19
C PHE A 344 -13.94 14.85 10.05
N GLN A 345 -13.82 16.04 10.65
CA GLN A 345 -14.94 16.61 11.38
C GLN A 345 -15.89 17.36 10.47
N MET A 346 -15.40 17.85 9.33
CA MET A 346 -16.29 18.47 8.37
C MET A 346 -17.02 17.44 7.52
N GLN A 347 -16.48 16.23 7.41
CA GLN A 347 -17.23 15.16 6.76
C GLN A 347 -18.43 14.73 7.58
N THR A 348 -18.31 14.79 8.91
CA THR A 348 -19.36 14.32 9.81
C THR A 348 -20.33 15.41 10.19
N THR A 349 -19.83 16.60 10.53
CA THR A 349 -20.73 17.66 10.98
C THR A 349 -21.53 18.25 9.83
N TYR A 350 -21.03 18.19 8.60
CA TYR A 350 -21.82 18.68 7.48
C TYR A 350 -23.08 17.86 7.29
N VAL A 351 -22.97 16.52 7.39
CA VAL A 351 -24.14 15.68 7.19
C VAL A 351 -25.21 15.99 8.24
N LEU A 352 -24.80 16.28 9.47
CA LEU A 352 -25.77 16.67 10.49
C LEU A 352 -26.48 17.95 10.11
N GLN A 353 -25.76 18.88 9.48
CA GLN A 353 -26.38 20.13 9.07
C GLN A 353 -27.37 19.91 7.93
N SER A 354 -27.04 19.03 6.99
CA SER A 354 -27.91 18.82 5.84
C SER A 354 -29.26 18.24 6.26
N LEU A 355 -29.27 17.33 7.23
CA LEU A 355 -30.53 16.77 7.69
C LEU A 355 -31.44 17.85 8.22
N HIS A 356 -30.89 18.98 8.67
CA HIS A 356 -31.66 20.08 9.22
C HIS A 356 -31.86 21.21 8.21
N LEU A 357 -31.99 20.87 6.94
CA LEU A 357 -32.34 21.82 5.90
C LEU A 357 -33.43 21.19 5.03
N LYS A 358 -34.19 22.04 4.35
CA LYS A 358 -35.32 21.55 3.57
C LYS A 358 -34.79 20.72 2.41
N ILE A 359 -34.91 19.40 2.54
CA ILE A 359 -34.54 18.49 1.47
C ILE A 359 -35.64 18.52 0.41
N PRO A 360 -35.31 18.60 -0.88
CA PRO A 360 -36.36 18.68 -1.89
C PRO A 360 -37.24 17.44 -1.86
N GLU A 361 -38.52 17.64 -2.17
CA GLU A 361 -39.49 16.54 -2.15
C GLU A 361 -39.57 15.87 -3.51
N THR A 371 -38.06 4.93 0.17
CA THR A 371 -37.72 6.14 0.92
C THR A 371 -36.37 6.69 0.48
N PHE A 372 -35.84 7.63 1.26
CA PHE A 372 -34.63 8.36 0.90
C PHE A 372 -33.47 7.84 1.73
N PRO A 373 -32.53 7.08 1.16
CA PRO A 373 -31.40 6.62 1.95
C PRO A 373 -30.61 7.78 2.52
N ALA A 374 -30.09 7.60 3.74
CA ALA A 374 -29.28 8.62 4.37
C ALA A 374 -27.87 8.68 3.79
N ALA A 375 -27.50 7.73 2.93
CA ALA A 375 -26.16 7.75 2.34
C ALA A 375 -26.02 8.82 1.27
N TRP A 376 -27.09 9.07 0.50
CA TRP A 376 -27.00 10.04 -0.58
C TRP A 376 -26.63 11.43 -0.10
N LEU A 377 -26.82 11.71 1.19
CA LEU A 377 -26.38 12.99 1.74
C LEU A 377 -24.88 13.07 1.91
N THR A 378 -24.17 11.94 1.78
CA THR A 378 -22.73 11.92 1.96
C THR A 378 -21.95 12.12 0.68
N MET A 379 -22.52 11.77 -0.47
CA MET A 379 -21.83 11.87 -1.75
C MET A 379 -21.98 13.24 -2.39
N PHE A 380 -22.19 14.29 -1.59
CA PHE A 380 -22.25 15.63 -2.14
C PHE A 380 -20.90 16.04 -2.70
N ASP A 381 -19.81 15.65 -2.04
CA ASP A 381 -18.47 16.07 -2.44
C ASP A 381 -17.75 15.06 -3.32
N ALA A 382 -18.21 13.81 -3.35
CA ALA A 382 -17.68 12.81 -4.27
C ALA A 382 -18.41 12.81 -5.59
N VAL A 383 -19.02 13.93 -5.97
CA VAL A 383 -19.63 14.11 -7.28
C VAL A 383 -19.04 15.35 -7.92
N LEU A 384 -18.24 16.10 -7.17
CA LEU A 384 -17.38 17.15 -7.71
C LEU A 384 -15.99 16.64 -8.02
N ILE A 385 -15.35 15.95 -7.07
CA ILE A 385 -14.08 15.33 -7.35
C ILE A 385 -14.16 14.40 -8.54
N LEU A 386 -15.38 13.99 -8.92
CA LEU A 386 -15.56 13.23 -10.15
C LEU A 386 -15.63 14.13 -11.38
N ILE A 387 -15.83 15.43 -11.20
CA ILE A 387 -15.94 16.35 -12.32
C ILE A 387 -14.91 17.47 -12.28
N LEU A 388 -14.09 17.55 -11.23
CA LEU A 388 -13.02 18.53 -11.16
C LEU A 388 -11.66 17.97 -11.54
N ILE A 389 -11.41 16.69 -11.27
CA ILE A 389 -10.12 16.10 -11.64
C ILE A 389 -9.91 16.09 -13.14
N PRO A 390 -10.87 15.69 -13.97
CA PRO A 390 -10.65 15.80 -15.42
C PRO A 390 -10.37 17.22 -15.86
N LEU A 391 -10.94 18.19 -15.16
CA LEU A 391 -10.68 19.59 -15.44
C LEU A 391 -9.32 20.03 -14.90
N LYS A 392 -8.91 19.49 -13.76
CA LYS A 392 -7.62 19.85 -13.19
C LYS A 392 -6.46 19.12 -13.86
N ASP A 393 -6.73 18.02 -14.54
CA ASP A 393 -5.68 17.21 -15.15
C ASP A 393 -5.44 17.56 -16.61
N LYS A 394 -6.23 18.46 -17.19
CA LYS A 394 -6.09 18.83 -18.58
C LYS A 394 -6.14 20.32 -18.84
N LEU A 395 -6.58 21.13 -17.88
CA LEU A 395 -6.67 22.57 -18.04
C LEU A 395 -5.89 23.36 -17.01
N VAL A 396 -5.75 22.85 -15.78
CA VAL A 396 -5.09 23.58 -14.71
C VAL A 396 -3.65 23.11 -14.53
N ASP A 397 -3.38 21.82 -14.69
CA ASP A 397 -2.00 21.36 -14.59
C ASP A 397 -1.12 21.91 -15.70
N PRO A 398 -1.47 21.79 -16.98
CA PRO A 398 -0.60 22.35 -18.02
C PRO A 398 -0.36 23.84 -17.89
N VAL A 399 -1.38 24.61 -17.51
CA VAL A 399 -1.20 26.06 -17.41
C VAL A 399 -0.21 26.41 -16.31
N LEU A 400 -0.19 25.64 -15.22
CA LEU A 400 0.79 25.86 -14.17
C LEU A 400 2.14 25.25 -14.49
N LYS A 401 2.26 24.49 -15.57
CA LYS A 401 3.52 23.85 -15.93
C LYS A 401 4.36 24.74 -16.84
N ARG A 402 3.79 25.19 -17.96
CA ARG A 402 4.54 26.05 -18.87
C ARG A 402 5.05 27.28 -18.14
N ASN A 403 4.20 27.89 -17.32
CA ASN A 403 4.64 28.91 -16.39
C ASN A 403 5.20 28.24 -15.15
N GLY A 404 6.27 28.81 -14.60
CA GLY A 404 6.80 28.30 -13.35
C GLY A 404 6.10 28.95 -12.18
N LEU A 405 5.13 28.26 -11.61
CA LEU A 405 4.25 28.87 -10.62
C LEU A 405 4.07 28.03 -9.37
N LEU A 406 3.99 26.71 -9.49
CA LEU A 406 3.65 25.88 -8.35
C LEU A 406 4.16 24.46 -8.56
N PRO A 407 5.46 24.29 -8.73
CA PRO A 407 5.98 22.96 -9.09
C PRO A 407 6.05 21.99 -7.93
N SER A 408 6.41 22.49 -6.75
CA SER A 408 6.65 21.62 -5.61
C SER A 408 5.36 20.91 -5.21
N SER A 409 5.47 20.02 -4.22
CA SER A 409 4.33 19.33 -3.66
C SER A 409 3.96 19.81 -2.27
N LEU A 410 4.89 20.39 -1.53
CA LEU A 410 4.56 21.00 -0.25
C LEU A 410 4.05 22.42 -0.39
N LYS A 411 4.06 22.98 -1.59
CA LYS A 411 3.40 24.25 -1.85
C LYS A 411 1.98 24.05 -2.34
N ARG A 412 1.66 22.88 -2.89
CA ARG A 412 0.27 22.58 -3.23
C ARG A 412 -0.53 22.20 -2.00
N ILE A 413 0.08 21.52 -1.04
CA ILE A 413 -0.65 21.19 0.18
C ILE A 413 -0.99 22.45 0.95
N ALA A 414 -0.05 23.38 1.06
CA ALA A 414 -0.31 24.61 1.78
C ALA A 414 -1.39 25.44 1.10
N VAL A 415 -1.58 25.27 -0.21
CA VAL A 415 -2.72 25.89 -0.87
C VAL A 415 -4.00 25.13 -0.55
N GLY A 416 -3.92 23.80 -0.50
CA GLY A 416 -5.10 23.01 -0.19
C GLY A 416 -5.60 23.24 1.22
N MET A 417 -4.70 23.43 2.17
CA MET A 417 -5.09 23.76 3.53
C MET A 417 -5.59 25.18 3.67
N PHE A 418 -5.70 25.93 2.58
CA PHE A 418 -6.31 27.25 2.64
C PHE A 418 -7.78 27.21 2.26
N PHE A 419 -8.18 26.31 1.36
CA PHE A 419 -9.59 26.17 1.04
C PHE A 419 -10.35 25.42 2.14
N VAL A 420 -9.66 24.56 2.89
CA VAL A 420 -10.29 23.96 4.06
C VAL A 420 -10.58 25.03 5.10
N MET A 421 -9.75 26.07 5.17
CA MET A 421 -10.04 27.17 6.07
C MET A 421 -11.27 27.95 5.62
N CYS A 422 -11.36 28.25 4.32
CA CYS A 422 -12.50 29.01 3.83
C CYS A 422 -13.78 28.16 3.80
N SER A 423 -13.64 26.84 3.74
CA SER A 423 -14.82 25.98 3.75
C SER A 423 -15.46 25.93 5.13
N ALA A 424 -14.65 25.77 6.17
CA ALA A 424 -15.18 25.77 7.53
C ALA A 424 -15.75 27.14 7.88
N PHE A 425 -15.07 28.21 7.47
CA PHE A 425 -15.59 29.55 7.71
C PHE A 425 -16.86 29.80 6.91
N ALA A 426 -16.92 29.30 5.68
CA ALA A 426 -18.12 29.48 4.87
C ALA A 426 -19.31 28.81 5.54
N ALA A 427 -19.13 27.61 6.07
CA ALA A 427 -20.23 26.92 6.75
C ALA A 427 -20.59 27.57 8.07
N GLY A 428 -19.71 28.40 8.63
CA GLY A 428 -20.08 29.13 9.83
C GLY A 428 -21.15 30.18 9.57
N ILE A 429 -21.04 30.87 8.43
CA ILE A 429 -22.05 31.88 8.09
C ILE A 429 -23.37 31.22 7.74
N LEU A 430 -23.32 30.09 7.02
CA LEU A 430 -24.56 29.40 6.67
C LEU A 430 -25.29 28.92 7.91
N GLU A 431 -24.56 28.33 8.86
CA GLU A 431 -25.20 27.86 10.09
C GLU A 431 -25.71 29.03 10.92
N SER A 432 -24.95 30.11 10.99
CA SER A 432 -25.35 31.24 11.82
C SER A 432 -26.70 31.78 11.40
N ASN A 433 -26.91 31.92 10.08
CA ASN A 433 -28.22 32.37 9.61
C ASN A 433 -29.28 31.29 9.77
N ARG A 434 -28.89 30.02 9.69
CA ARG A 434 -29.87 28.95 9.83
C ARG A 434 -30.51 28.96 11.21
N LEU A 435 -29.71 29.15 12.26
CA LEU A 435 -30.27 29.20 13.60
C LEU A 435 -31.26 30.35 13.75
N LYS A 436 -31.08 31.40 12.95
CA LYS A 436 -32.02 32.52 13.00
C LYS A 436 -33.40 32.11 12.50
N ILE A 437 -33.45 31.28 11.46
CA ILE A 437 -34.74 30.94 10.85
C ILE A 437 -35.56 30.05 11.77
N VAL A 438 -34.93 29.06 12.40
CA VAL A 438 -35.69 28.10 13.20
C VAL A 438 -36.44 28.79 14.32
N LYS A 439 -35.88 29.87 14.87
CA LYS A 439 -36.58 30.61 15.91
C LYS A 439 -37.91 31.16 15.42
N VAL A 440 -38.07 31.31 14.10
CA VAL A 440 -39.32 31.82 13.53
C VAL A 440 -40.26 30.65 13.29
N LYS A 441 -39.85 29.70 12.46
CA LYS A 441 -40.68 28.55 12.12
C LYS A 441 -39.78 27.40 11.70
N THR A 442 -40.34 26.19 11.78
CA THR A 442 -39.62 24.98 11.40
C THR A 442 -40.58 24.05 10.65
N ILE A 443 -40.00 23.12 9.91
CA ILE A 443 -40.74 22.10 9.19
C ILE A 443 -40.18 20.74 9.56
N ASN A 444 -41.05 19.85 10.04
CA ASN A 444 -40.62 18.51 10.41
C ASN A 444 -40.50 17.64 9.17
N GLN A 445 -39.45 16.81 9.13
CA GLN A 445 -39.23 15.88 8.04
C GLN A 445 -38.60 14.61 8.59
N THR A 446 -38.74 13.53 7.83
CA THR A 446 -38.22 12.24 8.20
C THR A 446 -37.20 11.76 7.17
N ILE A 447 -36.01 11.41 7.64
CA ILE A 447 -34.96 10.87 6.79
C ILE A 447 -34.40 9.63 7.47
N GLY A 448 -34.40 8.51 6.76
CA GLY A 448 -33.87 7.29 7.34
C GLY A 448 -34.63 6.81 8.56
N ASN A 449 -35.95 6.91 8.53
CA ASN A 449 -36.87 6.35 9.52
C ASN A 449 -36.97 7.19 10.79
N VAL A 450 -36.22 8.27 10.93
CA VAL A 450 -36.30 9.14 12.10
C VAL A 450 -36.70 10.54 11.62
N THR A 451 -37.04 11.39 12.59
CA THR A 451 -37.57 12.72 12.31
C THR A 451 -36.61 13.79 12.77
N TYR A 452 -36.48 14.85 11.97
CA TYR A 452 -35.62 15.98 12.29
C TYR A 452 -36.39 17.28 12.11
N HIS A 453 -36.06 18.27 12.94
CA HIS A 453 -36.71 19.58 12.89
C HIS A 453 -35.90 20.50 11.99
N ALA A 454 -36.06 20.29 10.68
CA ALA A 454 -35.33 21.06 9.69
C ALA A 454 -35.88 22.47 9.57
N ALA A 455 -35.00 23.40 9.21
CA ALA A 455 -35.41 24.77 8.96
C ALA A 455 -36.04 24.88 7.57
N ASP A 456 -36.71 26.00 7.33
CA ASP A 456 -37.36 26.24 6.05
C ASP A 456 -36.43 26.96 5.08
N MET A 457 -35.26 26.37 4.86
CA MET A 457 -34.24 26.92 3.98
C MET A 457 -33.76 25.80 3.06
N PRO A 458 -33.70 26.01 1.75
CA PRO A 458 -33.35 24.91 0.85
C PRO A 458 -31.94 24.40 1.11
N ILE A 459 -31.77 23.09 0.92
CA ILE A 459 -30.46 22.47 1.13
C ILE A 459 -29.43 22.99 0.15
N TRP A 460 -29.86 23.59 -0.96
CA TRP A 460 -28.92 24.00 -1.98
C TRP A 460 -28.11 25.22 -1.59
N TRP A 461 -28.38 25.82 -0.42
CA TRP A 461 -27.49 26.84 0.09
C TRP A 461 -26.17 26.26 0.57
N GLN A 462 -26.05 24.94 0.61
CA GLN A 462 -24.85 24.26 1.08
C GLN A 462 -23.85 23.97 -0.03
N ILE A 463 -24.13 24.41 -1.26
CA ILE A 463 -23.16 24.23 -2.34
C ILE A 463 -21.87 25.02 -2.09
N PRO A 464 -21.91 26.28 -1.67
CA PRO A 464 -20.66 27.04 -1.54
C PRO A 464 -19.67 26.42 -0.57
N GLN A 465 -20.13 25.71 0.46
CA GLN A 465 -19.21 25.11 1.41
C GLN A 465 -18.72 23.74 0.98
N TYR A 466 -19.28 23.17 -0.09
CA TYR A 466 -18.81 21.90 -0.63
C TYR A 466 -17.91 22.08 -1.84
N VAL A 467 -18.08 23.16 -2.61
CA VAL A 467 -17.15 23.44 -3.68
C VAL A 467 -15.77 23.75 -3.12
N LEU A 468 -15.71 24.55 -2.06
CA LEU A 468 -14.43 24.87 -1.44
C LEU A 468 -13.76 23.65 -0.83
N ILE A 469 -14.49 22.55 -0.65
CA ILE A 469 -13.86 21.28 -0.30
C ILE A 469 -13.54 20.45 -1.53
N GLY A 470 -14.20 20.72 -2.66
CA GLY A 470 -13.79 20.08 -3.90
C GLY A 470 -12.45 20.58 -4.40
N PHE A 471 -12.08 21.80 -4.04
CA PHE A 471 -10.77 22.34 -4.37
C PHE A 471 -9.71 22.01 -3.33
N SER A 472 -10.09 21.42 -2.21
CA SER A 472 -9.11 21.04 -1.18
C SER A 472 -8.73 19.58 -1.25
N GLU A 473 -9.58 18.74 -1.84
CA GLU A 473 -9.23 17.35 -2.09
C GLU A 473 -8.60 17.17 -3.47
N ILE A 474 -8.18 18.25 -4.11
CA ILE A 474 -7.47 18.20 -5.37
C ILE A 474 -6.04 18.70 -5.22
N PHE A 475 -5.82 19.69 -4.36
CA PHE A 475 -4.48 20.19 -4.12
C PHE A 475 -3.81 19.51 -2.93
N ALA A 476 -4.58 19.02 -1.97
CA ALA A 476 -4.03 18.48 -0.73
C ALA A 476 -4.15 16.97 -0.61
N SER A 477 -5.24 16.37 -1.06
CA SER A 477 -5.33 14.92 -1.01
C SER A 477 -4.52 14.27 -2.12
N ILE A 478 -4.49 14.89 -3.30
CA ILE A 478 -3.73 14.36 -4.42
C ILE A 478 -2.27 14.76 -4.40
N ALA A 479 -1.90 15.77 -3.62
CA ALA A 479 -0.51 16.17 -3.46
C ALA A 479 0.10 15.67 -2.16
N GLY A 480 -0.71 15.15 -1.24
CA GLY A 480 -0.16 14.45 -0.09
C GLY A 480 0.33 13.08 -0.48
N LEU A 481 -0.41 12.37 -1.32
CA LEU A 481 0.06 11.08 -1.81
C LEU A 481 1.33 11.24 -2.62
N GLU A 482 1.36 12.22 -3.51
CA GLU A 482 2.51 12.38 -4.40
C GLU A 482 3.77 12.68 -3.61
N PHE A 483 3.65 13.45 -2.52
CA PHE A 483 4.82 13.78 -1.72
C PHE A 483 5.27 12.59 -0.88
N ALA A 484 4.33 11.82 -0.33
CA ALA A 484 4.72 10.65 0.45
C ALA A 484 5.46 9.64 -0.40
N TYR A 485 5.05 9.47 -1.65
CA TYR A 485 5.72 8.51 -2.52
C TYR A 485 7.06 9.05 -3.00
N SER A 486 7.13 10.31 -3.39
CA SER A 486 8.32 10.85 -4.04
C SER A 486 9.34 11.39 -3.06
N ALA A 487 9.18 11.14 -1.77
CA ALA A 487 10.15 11.56 -0.77
C ALA A 487 10.37 10.48 0.27
N ALA A 488 10.44 9.24 -0.18
CA ALA A 488 10.73 8.10 0.68
C ALA A 488 11.82 7.25 0.04
N PRO A 489 12.67 6.62 0.84
CA PRO A 489 13.72 5.77 0.26
C PRO A 489 13.09 4.65 -0.55
N LYS A 490 13.77 4.26 -1.63
CA LYS A 490 13.21 3.26 -2.52
C LYS A 490 13.08 1.89 -1.86
N SER A 491 13.71 1.67 -0.72
CA SER A 491 13.63 0.40 -0.03
C SER A 491 12.50 0.35 1.00
N MET A 492 11.82 1.46 1.25
CA MET A 492 10.76 1.52 2.25
C MET A 492 9.59 2.35 1.73
N GLN A 493 9.16 2.09 0.50
CA GLN A 493 8.11 2.89 -0.09
C GLN A 493 6.71 2.45 0.33
N SER A 494 6.58 1.33 1.02
CA SER A 494 5.29 0.91 1.55
C SER A 494 5.16 1.17 3.05
N ALA A 495 6.27 1.21 3.77
CA ALA A 495 6.23 1.58 5.18
C ALA A 495 6.09 3.08 5.37
N ILE A 496 6.31 3.87 4.32
CA ILE A 496 6.15 5.32 4.43
C ILE A 496 4.81 5.78 3.89
N MET A 497 4.19 5.04 2.98
CA MET A 497 2.76 5.25 2.73
C MET A 497 1.92 4.61 3.81
N GLY A 498 2.46 3.61 4.50
CA GLY A 498 1.76 3.07 5.65
C GLY A 498 1.67 4.06 6.79
N LEU A 499 2.78 4.74 7.10
CA LEU A 499 2.73 5.76 8.13
C LEU A 499 1.80 6.89 7.74
N PHE A 500 1.83 7.30 6.47
CA PHE A 500 0.98 8.40 6.02
C PHE A 500 -0.47 8.12 6.35
N PHE A 501 -0.92 6.88 6.19
CA PHE A 501 -2.28 6.49 6.50
C PHE A 501 -2.48 6.09 7.95
N PHE A 502 -1.43 6.10 8.76
CA PHE A 502 -1.58 5.91 10.20
C PHE A 502 -1.64 7.24 10.92
N PHE A 503 -0.90 8.24 10.44
CA PHE A 503 -1.01 9.59 10.98
C PHE A 503 -2.28 10.29 10.51
N SER A 504 -3.02 9.70 9.55
CA SER A 504 -4.36 10.18 9.26
C SER A 504 -5.37 9.56 10.21
N GLY A 505 -5.10 8.36 10.71
CA GLY A 505 -5.92 7.82 11.77
C GLY A 505 -5.79 8.59 13.07
N ILE A 506 -4.57 8.94 13.46
CA ILE A 506 -4.38 9.79 14.63
C ILE A 506 -5.14 11.08 14.45
N GLY A 507 -5.34 11.53 13.22
CA GLY A 507 -6.08 12.75 12.99
C GLY A 507 -7.57 12.58 13.23
N SER A 508 -8.15 11.47 12.76
CA SER A 508 -9.57 11.26 12.93
C SER A 508 -9.95 11.12 14.39
N PHE A 509 -9.15 10.39 15.17
CA PHE A 509 -9.47 10.13 16.56
C PHE A 509 -9.13 11.30 17.46
N VAL A 510 -8.21 12.18 17.07
CA VAL A 510 -8.00 13.41 17.82
C VAL A 510 -9.21 14.31 17.71
N GLY A 511 -9.79 14.40 16.52
CA GLY A 511 -11.00 15.20 16.35
C GLY A 511 -12.19 14.61 17.09
N SER A 512 -12.37 13.30 17.00
CA SER A 512 -13.47 12.65 17.71
C SER A 512 -13.40 12.96 19.20
N GLY A 513 -12.19 13.14 19.74
CA GLY A 513 -12.06 13.60 21.11
C GLY A 513 -12.29 15.08 21.25
N LEU A 514 -11.98 15.85 20.20
CA LEU A 514 -12.25 17.28 20.22
C LEU A 514 -13.74 17.57 20.28
N LEU A 515 -14.54 16.81 19.53
CA LEU A 515 -15.99 17.00 19.56
C LEU A 515 -16.54 16.77 20.96
N ALA A 516 -16.10 15.71 21.62
CA ALA A 516 -16.57 15.43 22.98
C ALA A 516 -16.15 16.54 23.94
N LEU A 517 -14.91 17.01 23.81
CA LEU A 517 -14.43 18.06 24.71
C LEU A 517 -15.32 19.29 24.63
N VAL A 518 -15.57 19.79 23.41
CA VAL A 518 -16.39 20.98 23.24
C VAL A 518 -17.82 20.70 23.68
N SER A 519 -18.24 19.45 23.73
CA SER A 519 -19.56 19.07 24.20
C SER A 519 -19.58 18.72 25.68
N ILE A 520 -18.62 19.24 26.45
CA ILE A 520 -18.62 19.01 27.88
C ILE A 520 -19.64 19.93 28.55
N LYS A 521 -20.09 19.53 29.74
CA LYS A 521 -21.10 20.31 30.45
C LYS A 521 -20.66 21.75 30.66
N GLU A 522 -19.35 21.97 30.85
CA GLU A 522 -18.86 23.32 31.11
C GLU A 522 -19.13 24.25 29.93
N ILE A 523 -18.87 23.78 28.71
CA ILE A 523 -19.02 24.61 27.51
C ILE A 523 -20.41 24.38 26.92
N GLY A 524 -20.68 23.14 26.54
CA GLY A 524 -22.00 22.79 26.05
C GLY A 524 -22.37 23.34 24.69
N TRP A 525 -21.37 23.56 23.82
CA TRP A 525 -21.69 24.00 22.47
C TRP A 525 -22.46 22.93 21.69
N MET A 526 -22.31 21.66 22.07
CA MET A 526 -23.08 20.59 21.47
C MET A 526 -23.49 19.54 22.50
N SER A 527 -23.69 19.95 23.75
CA SER A 527 -24.07 19.00 24.79
C SER A 527 -25.44 18.40 24.52
N ASN A 528 -26.40 19.23 24.12
CA ASN A 528 -27.76 18.74 23.92
C ASN A 528 -27.85 17.76 22.76
N HIS A 529 -26.85 17.70 21.89
CA HIS A 529 -26.86 16.76 20.78
C HIS A 529 -26.75 15.33 21.29
N THR A 530 -27.49 14.42 20.67
CA THR A 530 -27.44 13.00 20.99
C THR A 530 -27.53 12.22 19.69
N ASP A 531 -27.69 10.91 19.79
CA ASP A 531 -27.85 10.08 18.61
C ASP A 531 -29.18 10.41 17.93
N PHE A 532 -29.12 10.76 16.65
CA PHE A 532 -30.32 11.17 15.90
C PHE A 532 -31.03 12.31 16.62
N GLY A 533 -30.27 13.27 17.11
CA GLY A 533 -30.77 14.32 17.97
C GLY A 533 -30.82 15.67 17.29
N ASN A 534 -31.82 16.46 17.64
CA ASN A 534 -31.93 17.83 17.13
C ASN A 534 -30.76 18.67 17.62
N ILE A 535 -30.31 19.59 16.77
CA ILE A 535 -29.19 20.47 17.09
C ILE A 535 -29.62 21.92 17.23
N ASN A 536 -30.91 22.23 17.09
CA ASN A 536 -31.35 23.61 17.22
C ASN A 536 -31.02 24.15 18.61
N GLY A 537 -31.26 23.35 19.64
CA GLY A 537 -30.83 23.74 20.98
C GLY A 537 -29.32 23.85 21.09
N CYS A 538 -28.61 22.93 20.45
CA CYS A 538 -27.16 22.99 20.40
C CYS A 538 -26.72 24.26 19.67
N GLN A 539 -25.42 24.51 19.68
CA GLN A 539 -24.84 25.67 19.01
C GLN A 539 -23.68 25.16 18.15
N LEU A 540 -24.01 24.69 16.95
CA LEU A 540 -23.00 24.27 16.00
C LEU A 540 -22.32 25.44 15.33
N ASN A 541 -22.94 26.62 15.39
CA ASN A 541 -22.36 27.80 14.76
C ASN A 541 -20.94 28.03 15.25
N TYR A 542 -20.75 28.07 16.56
CA TYR A 542 -19.42 28.34 17.11
C TYR A 542 -18.44 27.25 16.76
N TYR A 543 -18.90 26.01 16.59
CA TYR A 543 -17.98 24.91 16.37
C TYR A 543 -17.20 25.09 15.07
N PHE A 544 -17.88 25.47 13.99
CA PHE A 544 -17.20 25.62 12.72
C PHE A 544 -16.12 26.70 12.79
N PHE A 545 -16.44 27.85 13.38
CA PHE A 545 -15.43 28.88 13.54
C PHE A 545 -14.22 28.37 14.30
N LEU A 546 -14.41 27.41 15.21
CA LEU A 546 -13.27 26.82 15.90
C LEU A 546 -12.46 25.95 14.96
N LEU A 547 -13.12 25.25 14.03
CA LEU A 547 -12.39 24.45 13.05
C LEU A 547 -11.56 25.34 12.14
N ALA A 548 -12.09 26.48 11.72
CA ALA A 548 -11.31 27.40 10.91
C ALA A 548 -10.13 27.95 11.70
N ALA A 549 -10.34 28.28 12.97
CA ALA A 549 -9.27 28.83 13.79
C ALA A 549 -8.12 27.84 13.94
N ILE A 550 -8.44 26.57 14.22
CA ILE A 550 -7.40 25.55 14.35
C ILE A 550 -6.83 25.16 13.00
N GLN A 551 -7.43 25.60 11.90
CA GLN A 551 -6.90 25.34 10.58
C GLN A 551 -6.08 26.49 10.03
N GLY A 552 -6.30 27.70 10.54
CA GLY A 552 -5.43 28.82 10.18
C GLY A 552 -4.14 28.79 10.95
N ALA A 553 -4.14 28.17 12.13
CA ALA A 553 -2.90 28.03 12.91
C ALA A 553 -1.98 27.02 12.26
N THR A 554 -2.52 25.85 11.88
CA THR A 554 -1.68 24.84 11.24
C THR A 554 -1.12 25.31 9.92
N LEU A 555 -1.90 26.08 9.14
CA LEU A 555 -1.40 26.58 7.87
C LEU A 555 -0.15 27.43 8.08
N LEU A 556 -0.17 28.31 9.08
CA LEU A 556 1.03 29.07 9.39
C LEU A 556 2.16 28.15 9.83
N LEU A 557 1.85 27.15 10.67
CA LEU A 557 2.88 26.22 11.12
C LEU A 557 3.42 25.39 9.96
N PHE A 558 2.55 24.89 9.09
CA PHE A 558 3.01 24.01 8.03
C PHE A 558 3.92 24.74 7.05
N LEU A 559 3.77 26.05 6.93
CA LEU A 559 4.71 26.80 6.10
C LEU A 559 6.08 26.87 6.74
N ILE A 560 6.15 26.92 8.07
CA ILE A 560 7.44 26.94 8.75
C ILE A 560 8.18 25.63 8.51
N VAL A 561 7.51 24.50 8.76
CA VAL A 561 8.17 23.22 8.60
C VAL A 561 8.45 22.93 7.14
N SER A 562 7.53 23.30 6.24
CA SER A 562 7.74 23.04 4.82
C SER A 562 8.97 23.77 4.31
N VAL A 563 9.16 25.03 4.71
CA VAL A 563 10.30 25.80 4.23
C VAL A 563 11.60 25.15 4.67
N LYS A 564 11.67 24.71 5.93
CA LYS A 564 12.89 24.08 6.41
C LYS A 564 13.17 22.77 5.70
N TYR A 565 12.14 22.04 5.28
CA TYR A 565 12.36 20.78 4.58
C TYR A 565 13.00 21.01 3.23
N ASP A 566 12.43 21.91 2.42
CA ASP A 566 13.00 22.18 1.11
C ASP A 566 14.37 22.85 1.22
N HIS A 567 14.56 23.68 2.24
CA HIS A 567 15.84 24.36 2.40
C HIS A 567 16.98 23.38 2.58
N GLN A 568 16.78 22.34 3.40
CA GLN A 568 17.78 21.32 3.64
C GLN A 568 17.77 20.22 2.60
N LYS A 569 16.89 20.30 1.61
CA LYS A 569 16.80 19.27 0.57
C LYS A 569 17.78 19.58 -0.56
N GLN B 1 6.17 6.48 -37.26
CA GLN B 1 6.35 5.40 -38.28
C GLN B 1 7.40 4.39 -37.83
N VAL B 2 7.28 3.17 -38.34
CA VAL B 2 8.19 2.08 -38.02
C VAL B 2 8.67 1.46 -39.32
N GLN B 3 9.84 0.82 -39.27
CA GLN B 3 10.42 0.16 -40.42
C GLN B 3 10.86 -1.24 -40.04
N LEU B 4 10.66 -2.19 -40.95
CA LEU B 4 11.00 -3.59 -40.73
C LEU B 4 11.83 -4.09 -41.90
N VAL B 5 12.81 -4.96 -41.60
CA VAL B 5 13.69 -5.53 -42.61
C VAL B 5 13.74 -7.03 -42.39
N GLU B 6 13.33 -7.79 -43.41
CA GLU B 6 13.37 -9.24 -43.32
C GLU B 6 14.78 -9.75 -43.65
N SER B 7 15.03 -11.00 -43.27
CA SER B 7 16.31 -11.64 -43.53
C SER B 7 16.21 -13.10 -43.15
N GLY B 8 17.24 -13.86 -43.51
CA GLY B 8 17.29 -15.28 -43.24
C GLY B 8 16.64 -16.15 -44.29
N GLY B 9 16.00 -15.57 -45.30
CA GLY B 9 15.39 -16.37 -46.34
C GLY B 9 16.41 -17.03 -47.23
N GLY B 10 15.99 -18.14 -47.83
CA GLY B 10 16.88 -18.88 -48.71
C GLY B 10 16.16 -20.09 -49.28
N SER B 11 16.90 -20.85 -50.08
CA SER B 11 16.39 -22.05 -50.72
C SER B 11 17.04 -23.28 -50.09
N VAL B 12 16.20 -24.22 -49.64
CA VAL B 12 16.68 -25.43 -48.98
C VAL B 12 15.90 -26.62 -49.52
N GLN B 13 16.44 -27.81 -49.29
CA GLN B 13 15.79 -29.04 -49.70
C GLN B 13 14.69 -29.40 -48.70
N ALA B 14 14.09 -30.57 -48.89
CA ALA B 14 13.04 -31.03 -47.99
C ALA B 14 13.59 -31.23 -46.59
N GLY B 15 12.80 -30.84 -45.58
CA GLY B 15 13.19 -31.02 -44.20
C GLY B 15 14.10 -29.95 -43.64
N GLY B 16 14.35 -28.87 -44.38
CA GLY B 16 15.22 -27.82 -43.89
C GLY B 16 14.56 -26.96 -42.83
N SER B 17 15.38 -26.09 -42.23
CA SER B 17 14.89 -25.19 -41.20
C SER B 17 15.70 -23.89 -41.27
N LEU B 18 15.00 -22.77 -41.18
CA LEU B 18 15.62 -21.45 -41.24
C LEU B 18 15.13 -20.61 -40.06
N ARG B 19 15.95 -19.64 -39.68
CA ARG B 19 15.64 -18.70 -38.60
C ARG B 19 15.51 -17.32 -39.22
N LEU B 20 14.30 -17.01 -39.70
CA LEU B 20 14.05 -15.71 -40.30
C LEU B 20 14.09 -14.63 -39.25
N SER B 21 14.83 -13.56 -39.53
CA SER B 21 15.00 -12.43 -38.61
C SER B 21 14.38 -11.19 -39.21
N CYS B 22 13.67 -10.43 -38.38
CA CYS B 22 12.98 -9.22 -38.83
C CYS B 22 13.15 -8.15 -37.76
N ALA B 23 14.16 -7.30 -37.95
CA ALA B 23 14.44 -6.24 -37.00
C ALA B 23 13.43 -5.10 -37.15
N ALA B 24 13.28 -4.33 -36.08
CA ALA B 24 12.38 -3.19 -36.05
C ALA B 24 13.10 -1.98 -35.49
N SER B 25 12.73 -0.80 -35.98
CA SER B 25 13.36 0.45 -35.57
C SER B 25 12.28 1.52 -35.50
N GLY B 26 12.70 2.78 -35.38
CA GLY B 26 11.76 3.87 -35.25
C GLY B 26 11.17 3.93 -33.86
N ASP B 27 10.01 4.60 -33.77
CA ASP B 27 9.33 4.68 -32.48
C ASP B 27 8.72 3.32 -32.17
N ILE B 28 9.52 2.47 -31.54
CA ILE B 28 9.18 1.06 -31.36
C ILE B 28 8.53 0.85 -30.01
N GLU B 29 8.08 1.93 -29.38
CA GLU B 29 7.38 1.84 -28.11
C GLU B 29 5.88 1.72 -28.26
N THR B 30 5.37 1.64 -29.48
CA THR B 30 3.94 1.58 -29.76
C THR B 30 3.60 0.40 -30.64
N ILE B 31 4.31 -0.71 -30.47
CA ILE B 31 4.09 -1.94 -31.23
C ILE B 31 3.53 -2.98 -30.27
N TRP B 32 2.35 -3.52 -30.59
CA TRP B 32 1.69 -4.51 -29.76
C TRP B 32 1.88 -5.92 -30.29
N TYR B 33 1.55 -6.16 -31.56
CA TYR B 33 1.63 -7.49 -32.14
C TYR B 33 2.58 -7.50 -33.33
N LEU B 34 3.37 -8.56 -33.44
CA LEU B 34 4.17 -8.84 -34.61
C LEU B 34 3.76 -10.20 -35.17
N GLY B 35 3.88 -10.35 -36.48
CA GLY B 35 3.45 -11.59 -37.10
C GLY B 35 4.20 -11.85 -38.39
N TRP B 36 3.94 -13.02 -38.95
CA TRP B 36 4.52 -13.43 -40.22
C TRP B 36 3.41 -13.93 -41.13
N PHE B 37 3.51 -13.59 -42.41
CA PHE B 37 2.47 -13.91 -43.38
C PHE B 37 3.10 -14.56 -44.60
N ARG B 38 2.42 -15.57 -45.14
CA ARG B 38 2.82 -16.26 -46.36
C ARG B 38 1.85 -15.92 -47.47
N GLN B 39 2.38 -15.78 -48.69
CA GLN B 39 1.58 -15.44 -49.87
C GLN B 39 2.08 -16.30 -51.03
N ALA B 40 1.47 -17.47 -51.20
CA ALA B 40 1.82 -18.33 -52.32
C ALA B 40 1.21 -17.81 -53.61
N PRO B 41 1.84 -18.08 -54.76
CA PRO B 41 1.30 -17.58 -56.02
C PRO B 41 -0.10 -18.13 -56.29
N GLY B 42 -0.97 -17.29 -56.83
CA GLY B 42 -2.33 -17.67 -57.13
C GLY B 42 -3.24 -17.80 -55.93
N LYS B 43 -2.74 -17.53 -54.72
CA LYS B 43 -3.53 -17.61 -53.50
C LYS B 43 -3.43 -16.29 -52.75
N GLU B 44 -4.48 -15.97 -52.02
CA GLU B 44 -4.49 -14.76 -51.21
C GLU B 44 -3.49 -14.86 -50.06
N ARG B 45 -2.97 -13.72 -49.65
CA ARG B 45 -2.01 -13.69 -48.55
C ARG B 45 -2.63 -14.28 -47.29
N GLU B 46 -1.86 -15.09 -46.59
CA GLU B 46 -2.32 -15.76 -45.38
C GLU B 46 -1.28 -15.62 -44.28
N GLY B 47 -1.76 -15.60 -43.04
CA GLY B 47 -0.87 -15.54 -41.90
C GLY B 47 -0.21 -16.87 -41.60
N VAL B 48 0.89 -16.81 -40.86
CA VAL B 48 1.64 -18.00 -40.48
C VAL B 48 1.67 -18.09 -38.96
N ALA B 49 2.25 -17.09 -38.32
CA ALA B 49 2.33 -17.05 -36.86
C ALA B 49 2.29 -15.60 -36.40
N ALA B 50 1.88 -15.42 -35.16
CA ALA B 50 1.79 -14.09 -34.57
C ALA B 50 2.29 -14.17 -33.13
N LEU B 51 2.72 -13.01 -32.62
CA LEU B 51 3.28 -12.92 -31.28
C LEU B 51 2.86 -11.60 -30.66
N SER B 52 2.88 -11.54 -29.34
CA SER B 52 2.56 -10.34 -28.60
C SER B 52 3.81 -9.84 -27.89
N THR B 53 4.05 -8.54 -27.97
CA THR B 53 5.24 -7.95 -27.37
C THR B 53 5.00 -7.43 -25.97
N VAL B 54 3.81 -7.65 -25.42
CA VAL B 54 3.50 -7.17 -24.07
C VAL B 54 3.29 -8.32 -23.09
N THR B 55 2.86 -9.49 -23.55
CA THR B 55 2.67 -10.65 -22.67
C THR B 55 3.46 -11.88 -23.08
N GLY B 56 3.88 -11.98 -24.34
CA GLY B 56 4.57 -13.16 -24.82
C GLY B 56 3.66 -14.28 -25.27
N SER B 57 2.34 -14.08 -25.25
CA SER B 57 1.40 -15.12 -25.63
C SER B 57 1.36 -15.25 -27.14
N THR B 58 1.91 -16.34 -27.66
CA THR B 58 2.00 -16.54 -29.10
C THR B 58 0.65 -16.96 -29.67
N TYR B 59 0.65 -17.19 -30.98
CA TYR B 59 -0.51 -17.74 -31.68
C TYR B 59 0.02 -18.51 -32.88
N TYR B 60 -0.82 -19.38 -33.43
CA TYR B 60 -0.41 -20.19 -34.57
C TYR B 60 -1.63 -20.56 -35.39
N ALA B 61 -1.38 -21.04 -36.60
CA ALA B 61 -2.41 -21.48 -37.52
C ALA B 61 -2.47 -23.01 -37.53
N ASP B 62 -3.69 -23.54 -37.57
CA ASP B 62 -3.87 -24.99 -37.58
C ASP B 62 -3.14 -25.63 -38.76
N SER B 63 -2.96 -24.87 -39.85
CA SER B 63 -2.29 -25.42 -41.02
C SER B 63 -0.85 -25.81 -40.70
N VAL B 64 -0.15 -24.99 -39.92
CA VAL B 64 1.25 -25.21 -39.62
C VAL B 64 1.50 -25.37 -38.12
N LYS B 65 0.45 -25.67 -37.35
CA LYS B 65 0.61 -25.80 -35.91
C LYS B 65 1.53 -26.97 -35.57
N GLY B 66 2.33 -26.78 -34.52
CA GLY B 66 3.18 -27.84 -34.00
C GLY B 66 4.55 -27.94 -34.60
N ARG B 67 4.88 -27.11 -35.60
CA ARG B 67 6.19 -27.17 -36.24
C ARG B 67 6.88 -25.82 -36.37
N PHE B 68 6.20 -24.71 -36.08
CA PHE B 68 6.79 -23.39 -36.17
C PHE B 68 6.92 -22.77 -34.77
N THR B 69 7.99 -22.01 -34.59
CA THR B 69 8.27 -21.34 -33.32
C THR B 69 8.59 -19.87 -33.59
N VAL B 70 8.00 -18.99 -32.78
CA VAL B 70 8.20 -17.55 -32.90
C VAL B 70 8.59 -17.01 -31.54
N SER B 71 9.64 -16.19 -31.49
CA SER B 71 10.14 -15.63 -30.25
C SER B 71 10.60 -14.19 -30.50
N LEU B 72 10.87 -13.49 -29.41
CA LEU B 72 11.30 -12.10 -29.45
C LEU B 72 12.59 -11.95 -28.66
N ASP B 73 13.41 -10.99 -29.09
CA ASP B 73 14.67 -10.65 -28.41
C ASP B 73 14.60 -9.15 -28.08
N ASN B 74 14.14 -8.84 -26.87
CA ASN B 74 13.99 -7.44 -26.48
C ASN B 74 15.29 -6.68 -26.56
N ALA B 75 16.42 -7.35 -26.35
CA ALA B 75 17.71 -6.68 -26.44
C ALA B 75 17.99 -6.20 -27.87
N LYS B 76 17.71 -7.05 -28.86
CA LYS B 76 17.99 -6.73 -30.26
C LYS B 76 16.77 -6.20 -31.00
N ASN B 77 15.60 -6.16 -30.37
CA ASN B 77 14.38 -5.70 -31.04
C ASN B 77 14.16 -6.47 -32.34
N THR B 78 14.37 -7.78 -32.28
CA THR B 78 14.24 -8.64 -33.44
C THR B 78 13.41 -9.87 -33.08
N VAL B 79 12.67 -10.37 -34.07
CA VAL B 79 11.82 -11.55 -33.91
C VAL B 79 12.37 -12.65 -34.81
N TYR B 80 12.44 -13.85 -34.28
CA TYR B 80 12.97 -15.01 -35.00
C TYR B 80 11.86 -16.02 -35.21
N LEU B 81 11.70 -16.48 -36.45
CA LEU B 81 10.73 -17.50 -36.80
C LEU B 81 11.47 -18.76 -37.22
N GLN B 82 11.13 -19.88 -36.59
CA GLN B 82 11.78 -21.17 -36.84
C GLN B 82 10.76 -22.13 -37.45
N MET B 83 11.17 -22.81 -38.51
CA MET B 83 10.34 -23.81 -39.17
C MET B 83 11.05 -25.16 -39.11
N ASN B 84 10.30 -26.20 -38.74
CA ASN B 84 10.83 -27.55 -38.63
C ASN B 84 10.11 -28.45 -39.62
N SER B 85 10.88 -29.26 -40.35
CA SER B 85 10.35 -30.18 -41.34
C SER B 85 9.51 -29.44 -42.38
N LEU B 86 10.19 -28.55 -43.11
CA LEU B 86 9.53 -27.77 -44.13
C LEU B 86 8.93 -28.67 -45.21
N LYS B 87 8.00 -28.11 -45.97
CA LYS B 87 7.35 -28.80 -47.07
C LYS B 87 7.36 -27.93 -48.31
N PRO B 88 7.31 -28.53 -49.50
CA PRO B 88 7.26 -27.71 -50.72
C PRO B 88 6.06 -26.78 -50.76
N GLU B 89 4.97 -27.15 -50.10
CA GLU B 89 3.77 -26.30 -50.13
C GLU B 89 4.05 -24.94 -49.49
N ASP B 90 4.78 -24.92 -48.38
CA ASP B 90 5.07 -23.67 -47.69
C ASP B 90 5.95 -22.74 -48.50
N THR B 91 6.56 -23.22 -49.59
CA THR B 91 7.39 -22.37 -50.42
C THR B 91 6.60 -21.19 -50.95
N ALA B 92 6.95 -19.99 -50.50
CA ALA B 92 6.27 -18.77 -50.93
C ALA B 92 6.97 -17.58 -50.26
N LEU B 93 6.58 -16.39 -50.69
CA LEU B 93 7.13 -15.17 -50.09
C LEU B 93 6.60 -14.98 -48.68
N TYR B 94 7.40 -14.32 -47.84
CA TYR B 94 7.06 -14.10 -46.45
C TYR B 94 7.25 -12.63 -46.09
N TYR B 95 6.45 -12.18 -45.13
CA TYR B 95 6.51 -10.80 -44.64
C TYR B 95 6.45 -10.81 -43.13
N CYS B 96 6.91 -9.71 -42.53
CA CYS B 96 6.70 -9.45 -41.11
C CYS B 96 6.05 -8.08 -40.97
N ALA B 97 5.06 -8.00 -40.07
CA ALA B 97 4.27 -6.80 -39.92
C ALA B 97 4.07 -6.49 -38.45
N ALA B 98 3.84 -5.23 -38.15
CA ALA B 98 3.51 -4.76 -36.81
C ALA B 98 2.05 -4.35 -36.75
N ALA B 99 1.60 -3.99 -35.56
CA ALA B 99 0.22 -3.58 -35.37
C ALA B 99 0.10 -2.90 -34.01
N TYR B 100 -0.51 -1.71 -34.00
CA TYR B 100 -0.68 -0.98 -32.76
C TYR B 100 -1.91 -1.45 -31.98
N THR B 101 -2.73 -2.32 -32.58
CA THR B 101 -3.84 -2.93 -31.84
C THR B 101 -4.27 -4.18 -32.60
N GLY B 102 -4.04 -5.35 -32.02
CA GLY B 102 -4.35 -6.58 -32.71
C GLY B 102 -4.87 -7.69 -31.81
N TRP B 103 -5.38 -7.33 -30.62
CA TRP B 103 -5.79 -8.35 -29.67
C TRP B 103 -6.96 -9.18 -30.16
N MET B 104 -7.65 -8.76 -31.23
CA MET B 104 -8.71 -9.54 -31.85
C MET B 104 -8.25 -9.97 -33.22
N ALA B 105 -8.30 -11.28 -33.48
CA ALA B 105 -7.92 -11.86 -34.75
C ALA B 105 -6.51 -11.40 -35.16
N PRO B 106 -5.49 -11.72 -34.36
CA PRO B 106 -4.13 -11.29 -34.71
C PRO B 106 -3.62 -11.89 -36.00
N LEU B 107 -4.21 -12.98 -36.49
CA LEU B 107 -3.73 -13.63 -37.70
C LEU B 107 -4.37 -13.09 -38.97
N TRP B 108 -5.30 -12.14 -38.86
CA TRP B 108 -5.92 -11.55 -40.04
C TRP B 108 -5.14 -10.32 -40.49
N GLN B 109 -4.80 -10.30 -41.78
CA GLN B 109 -3.85 -9.31 -42.27
C GLN B 109 -4.36 -7.89 -42.12
N TRP B 110 -5.66 -7.68 -42.27
CA TRP B 110 -6.18 -6.32 -42.30
C TRP B 110 -5.96 -5.59 -40.97
N VAL B 111 -5.65 -6.31 -39.90
CA VAL B 111 -5.39 -5.64 -38.63
C VAL B 111 -4.07 -4.89 -38.66
N TYR B 112 -3.04 -5.48 -39.26
CA TYR B 112 -1.72 -4.88 -39.25
C TYR B 112 -1.65 -3.66 -40.15
N SER B 113 -0.75 -2.74 -39.81
CA SER B 113 -0.55 -1.51 -40.58
C SER B 113 0.81 -1.45 -41.25
N TYR B 114 1.90 -1.59 -40.48
CA TYR B 114 3.23 -1.52 -41.04
C TYR B 114 3.57 -2.83 -41.75
N TRP B 115 4.46 -2.74 -42.74
CA TRP B 115 4.85 -3.91 -43.51
C TRP B 115 6.29 -3.76 -43.98
N GLY B 116 6.92 -4.90 -44.27
CA GLY B 116 8.28 -4.94 -44.73
C GLY B 116 8.40 -5.41 -46.17
N GLN B 117 9.65 -5.40 -46.65
CA GLN B 117 9.90 -5.77 -48.04
C GLN B 117 9.50 -7.21 -48.30
N GLY B 118 9.83 -8.12 -47.38
CA GLY B 118 9.49 -9.52 -47.52
C GLY B 118 10.64 -10.33 -48.08
N THR B 119 10.60 -11.63 -47.82
CA THR B 119 11.62 -12.56 -48.26
C THR B 119 10.96 -13.81 -48.84
N GLN B 120 11.71 -14.50 -49.69
CA GLN B 120 11.21 -15.68 -50.39
C GLN B 120 11.96 -16.91 -49.91
N VAL B 121 11.22 -17.99 -49.66
CA VAL B 121 11.77 -19.26 -49.23
C VAL B 121 11.33 -20.33 -50.23
N THR B 122 12.30 -21.10 -50.72
CA THR B 122 12.04 -22.16 -51.69
C THR B 122 12.38 -23.51 -51.06
N VAL B 123 11.42 -24.44 -51.12
CA VAL B 123 11.59 -25.78 -50.58
C VAL B 123 11.21 -26.77 -51.66
N SER B 124 12.07 -27.77 -51.88
CA SER B 124 11.83 -28.79 -52.89
C SER B 124 12.55 -30.08 -52.55
N GLN C 1 25.53 -21.61 7.19
CA GLN C 1 26.11 -20.37 6.59
C GLN C 1 27.08 -19.70 7.56
N VAL C 2 26.84 -19.89 8.86
CA VAL C 2 27.68 -19.34 9.91
C VAL C 2 28.05 -20.47 10.86
N GLN C 3 29.34 -20.60 11.14
CA GLN C 3 29.85 -21.64 12.03
C GLN C 3 30.84 -21.03 13.01
N LEU C 4 30.77 -21.46 14.26
CA LEU C 4 31.62 -20.96 15.33
C LEU C 4 32.57 -22.04 15.80
N VAL C 5 33.83 -21.68 15.97
CA VAL C 5 34.87 -22.61 16.39
C VAL C 5 35.19 -22.33 17.85
N GLU C 6 35.07 -23.34 18.69
CA GLU C 6 35.38 -23.22 20.11
C GLU C 6 36.85 -23.49 20.36
N SER C 7 37.31 -23.12 21.54
CA SER C 7 38.69 -23.35 21.94
C SER C 7 38.85 -22.89 23.39
N GLY C 8 39.99 -23.25 23.98
CA GLY C 8 40.30 -22.88 25.34
C GLY C 8 39.69 -23.77 26.40
N GLY C 9 38.99 -24.84 26.01
CA GLY C 9 38.39 -25.71 27.00
C GLY C 9 39.44 -26.37 27.88
N GLY C 10 39.07 -26.62 29.13
CA GLY C 10 39.98 -27.27 30.06
C GLY C 10 39.30 -27.44 31.40
N SER C 11 40.07 -28.01 32.33
CA SER C 11 39.60 -28.25 33.69
C SER C 11 40.64 -27.74 34.69
N VAL C 12 40.15 -27.20 35.80
CA VAL C 12 40.99 -26.68 36.86
C VAL C 12 40.33 -26.99 38.20
N GLN C 13 41.01 -26.61 39.29
CA GLN C 13 40.50 -26.82 40.64
C GLN C 13 39.77 -25.56 41.12
N ALA C 14 39.26 -25.62 42.34
CA ALA C 14 38.58 -24.48 42.92
C ALA C 14 39.54 -23.31 43.07
N GLY C 15 39.03 -22.11 42.81
CA GLY C 15 39.84 -20.91 42.89
C GLY C 15 40.70 -20.62 41.68
N GLY C 16 40.61 -21.45 40.63
CA GLY C 16 41.39 -21.23 39.44
C GLY C 16 40.73 -20.24 38.49
N SER C 17 41.40 -20.04 37.36
CA SER C 17 40.92 -19.12 36.33
C SER C 17 41.18 -19.75 34.96
N LEU C 18 40.37 -19.32 33.99
CA LEU C 18 40.50 -19.81 32.62
C LEU C 18 40.13 -18.70 31.65
N ARG C 19 40.60 -18.85 30.41
CA ARG C 19 40.35 -17.89 29.34
C ARG C 19 39.81 -18.65 28.14
N LEU C 20 38.49 -18.75 28.05
CA LEU C 20 37.84 -19.47 26.97
C LEU C 20 37.66 -18.56 25.76
N SER C 21 37.86 -19.13 24.57
CA SER C 21 37.73 -18.40 23.32
C SER C 21 36.92 -19.24 22.34
N CYS C 22 36.00 -18.57 21.64
CA CYS C 22 35.18 -19.21 20.61
C CYS C 22 35.21 -18.33 19.36
N ALA C 23 35.80 -18.85 18.29
CA ALA C 23 35.96 -18.09 17.05
C ALA C 23 34.73 -18.27 16.16
N ALA C 24 34.69 -17.48 15.10
CA ALA C 24 33.59 -17.51 14.14
C ALA C 24 34.15 -17.59 12.73
N SER C 25 33.38 -18.23 11.85
CA SER C 25 33.76 -18.38 10.45
C SER C 25 32.70 -17.89 9.47
N GLY C 26 31.53 -17.50 9.94
CA GLY C 26 30.49 -17.00 9.07
C GLY C 26 30.68 -15.53 8.75
N ASP C 27 29.63 -14.94 8.18
CA ASP C 27 29.68 -13.53 7.79
C ASP C 27 29.94 -12.67 9.02
N ILE C 28 30.95 -11.79 8.92
CA ILE C 28 31.21 -10.85 10.01
C ILE C 28 30.02 -9.91 10.16
N GLU C 29 29.47 -9.44 9.05
CA GLU C 29 28.24 -8.65 9.08
C GLU C 29 27.04 -9.59 9.16
N THR C 30 25.84 -9.01 9.22
CA THR C 30 24.58 -9.71 9.39
C THR C 30 24.45 -10.33 10.78
N ILE C 31 25.43 -10.14 11.65
CA ILE C 31 25.40 -10.68 13.00
C ILE C 31 25.26 -9.51 13.96
N TRP C 32 24.29 -9.59 14.86
CA TRP C 32 23.99 -8.52 15.80
C TRP C 32 24.47 -8.82 17.21
N TYR C 33 24.25 -10.03 17.71
CA TYR C 33 24.62 -10.38 19.07
C TYR C 33 25.38 -11.70 19.09
N LEU C 34 26.25 -11.82 20.09
CA LEU C 34 26.97 -13.06 20.38
C LEU C 34 26.80 -13.37 21.86
N GLY C 35 26.54 -14.63 22.17
CA GLY C 35 26.26 -15.02 23.54
C GLY C 35 26.96 -16.32 23.90
N TRP C 36 27.13 -16.52 25.20
CA TRP C 36 27.71 -17.72 25.75
C TRP C 36 26.70 -18.39 26.67
N PHE C 37 26.45 -19.67 26.44
CA PHE C 37 25.46 -20.43 27.20
C PHE C 37 26.16 -21.59 27.91
N ARG C 38 25.89 -21.72 29.20
CA ARG C 38 26.44 -22.78 30.03
C ARG C 38 25.33 -23.76 30.36
N GLN C 39 25.58 -25.05 30.13
CA GLN C 39 24.57 -26.09 30.37
C GLN C 39 25.27 -27.29 30.99
N ALA C 40 24.93 -27.58 32.25
CA ALA C 40 25.48 -28.75 32.91
C ALA C 40 24.87 -30.02 32.34
N PRO C 41 25.54 -31.16 32.48
CA PRO C 41 24.99 -32.41 31.95
C PRO C 41 23.62 -32.70 32.56
N GLY C 42 22.70 -33.18 31.72
CA GLY C 42 21.37 -33.49 32.18
C GLY C 42 20.67 -32.34 32.86
N LYS C 43 20.99 -31.11 32.46
CA LYS C 43 20.40 -29.92 33.06
C LYS C 43 19.95 -28.98 31.96
N GLU C 44 18.92 -28.19 32.28
CA GLU C 44 18.40 -27.23 31.31
C GLU C 44 19.46 -26.20 30.95
N ARG C 45 19.50 -25.82 29.68
CA ARG C 45 20.47 -24.84 29.22
C ARG C 45 20.16 -23.47 29.82
N GLU C 46 21.21 -22.73 30.15
CA GLU C 46 21.08 -21.39 30.69
C GLU C 46 22.14 -20.49 30.08
N GLY C 47 21.82 -19.21 29.97
CA GLY C 47 22.73 -18.24 29.40
C GLY C 47 23.65 -17.63 30.45
N VAL C 48 24.86 -17.27 30.00
CA VAL C 48 25.88 -16.70 30.87
C VAL C 48 26.06 -15.22 30.61
N ALA C 49 26.36 -14.84 29.37
CA ALA C 49 26.57 -13.45 29.02
C ALA C 49 26.29 -13.26 27.54
N ALA C 50 26.10 -12.00 27.15
CA ALA C 50 25.84 -11.64 25.77
C ALA C 50 26.63 -10.39 25.43
N LEU C 51 26.97 -10.24 24.15
CA LEU C 51 27.73 -9.09 23.67
C LEU C 51 27.18 -8.68 22.31
N SER C 52 27.04 -7.37 22.11
CA SER C 52 26.56 -6.83 20.84
C SER C 52 27.74 -6.31 20.04
N THR C 53 27.73 -6.60 18.74
CA THR C 53 28.83 -6.23 17.86
C THR C 53 28.74 -4.80 17.35
N VAL C 54 27.65 -4.09 17.64
CA VAL C 54 27.46 -2.73 17.16
C VAL C 54 27.61 -1.71 18.27
N THR C 55 27.14 -2.03 19.47
CA THR C 55 27.23 -1.12 20.61
C THR C 55 28.27 -1.53 21.64
N GLY C 56 28.49 -2.82 21.83
CA GLY C 56 29.43 -3.30 22.82
C GLY C 56 28.84 -3.53 24.20
N SER C 57 27.58 -3.19 24.42
CA SER C 57 26.97 -3.41 25.72
C SER C 57 26.97 -4.90 26.05
N THR C 58 27.27 -5.21 27.31
CA THR C 58 27.36 -6.58 27.79
C THR C 58 26.26 -6.83 28.81
N TYR C 59 25.62 -8.00 28.70
CA TYR C 59 24.53 -8.40 29.59
C TYR C 59 24.97 -9.70 30.28
N TYR C 60 25.68 -9.57 31.39
CA TYR C 60 26.12 -10.73 32.14
C TYR C 60 24.96 -11.29 32.96
N ALA C 61 24.88 -12.61 33.02
CA ALA C 61 23.80 -13.26 33.74
C ALA C 61 23.83 -12.86 35.21
N ASP C 62 22.64 -12.67 35.78
CA ASP C 62 22.55 -12.18 37.15
C ASP C 62 23.27 -13.10 38.14
N SER C 63 23.35 -14.39 37.83
CA SER C 63 23.93 -15.36 38.74
C SER C 63 25.44 -15.51 38.58
N VAL C 64 26.05 -14.85 37.60
CA VAL C 64 27.48 -14.98 37.36
C VAL C 64 28.13 -13.60 37.22
N LYS C 65 27.43 -12.57 37.65
CA LYS C 65 27.97 -11.22 37.54
C LYS C 65 29.22 -11.07 38.41
N GLY C 66 30.20 -10.34 37.88
CA GLY C 66 31.39 -10.00 38.63
C GLY C 66 32.51 -11.01 38.57
N ARG C 67 32.31 -12.17 37.95
CA ARG C 67 33.33 -13.21 37.88
C ARG C 67 33.67 -13.63 36.46
N PHE C 68 33.02 -13.07 35.46
CA PHE C 68 33.27 -13.42 34.06
C PHE C 68 33.27 -12.17 33.21
N THR C 69 34.18 -12.11 32.25
CA THR C 69 34.32 -10.97 31.36
C THR C 69 34.36 -11.46 29.92
N VAL C 70 33.64 -10.76 29.04
CA VAL C 70 33.58 -11.10 27.62
C VAL C 70 33.94 -9.87 26.82
N SER C 71 34.78 -10.05 25.80
CA SER C 71 35.24 -8.95 24.97
C SER C 71 35.21 -9.37 23.51
N LEU C 72 35.14 -8.38 22.64
CA LEU C 72 35.09 -8.58 21.20
C LEU C 72 36.36 -8.04 20.56
N ASP C 73 36.87 -8.76 19.56
CA ASP C 73 38.06 -8.35 18.80
C ASP C 73 37.70 -8.40 17.33
N ASN C 74 37.42 -7.23 16.74
CA ASN C 74 37.06 -7.18 15.33
C ASN C 74 38.20 -7.66 14.45
N ALA C 75 39.43 -7.28 14.77
CA ALA C 75 40.57 -7.69 13.96
C ALA C 75 40.68 -9.20 13.89
N LYS C 76 40.56 -9.88 15.03
CA LYS C 76 40.61 -11.33 15.06
C LYS C 76 39.27 -11.98 14.78
N ASN C 77 38.17 -11.24 14.91
CA ASN C 77 36.83 -11.77 14.69
C ASN C 77 36.61 -13.03 15.53
N THR C 78 37.08 -12.99 16.77
CA THR C 78 36.95 -14.10 17.69
C THR C 78 36.77 -13.55 19.09
N VAL C 79 35.60 -13.78 19.68
CA VAL C 79 35.32 -13.28 21.02
C VAL C 79 36.04 -14.13 22.06
N TYR C 80 36.15 -13.58 23.26
CA TYR C 80 36.80 -14.26 24.37
C TYR C 80 35.91 -14.14 25.60
N LEU C 81 36.04 -15.12 26.50
CA LEU C 81 35.28 -15.16 27.75
C LEU C 81 36.26 -15.41 28.89
N GLN C 82 36.83 -14.32 29.43
CA GLN C 82 37.71 -14.44 30.58
C GLN C 82 36.89 -14.85 31.81
N MET C 83 37.45 -15.74 32.61
CA MET C 83 36.78 -16.26 33.79
C MET C 83 37.75 -16.26 34.96
N ASN C 84 37.23 -15.95 36.15
CA ASN C 84 38.02 -15.92 37.37
C ASN C 84 37.17 -16.38 38.54
N SER C 85 37.84 -16.78 39.62
CA SER C 85 37.17 -17.26 40.82
C SER C 85 36.25 -18.44 40.48
N LEU C 86 36.76 -19.36 39.68
CA LEU C 86 35.97 -20.51 39.27
C LEU C 86 35.57 -21.36 40.47
N LYS C 87 34.36 -21.89 40.43
CA LYS C 87 33.80 -22.68 41.50
C LYS C 87 33.18 -23.94 40.93
N PRO C 88 33.01 -24.99 41.74
CA PRO C 88 32.45 -26.25 41.22
C PRO C 88 31.08 -26.08 40.57
N GLU C 89 30.27 -25.15 41.07
CA GLU C 89 28.94 -24.95 40.48
C GLU C 89 29.03 -24.46 39.04
N ASP C 90 30.19 -23.96 38.62
CA ASP C 90 30.39 -23.55 37.24
C ASP C 90 30.71 -24.71 36.32
N THR C 91 31.04 -25.88 36.86
CA THR C 91 31.33 -27.06 36.05
C THR C 91 30.13 -27.40 35.17
N ALA C 92 30.30 -27.28 33.86
CA ALA C 92 29.21 -27.52 32.92
C ALA C 92 29.74 -27.37 31.50
N LEU C 93 28.89 -27.70 30.53
CA LEU C 93 29.20 -27.51 29.12
C LEU C 93 28.84 -26.10 28.70
N TYR C 94 29.62 -25.57 27.75
CA TYR C 94 29.49 -24.18 27.32
C TYR C 94 29.24 -24.12 25.82
N TYR C 95 28.40 -23.18 25.41
CA TYR C 95 28.06 -22.97 24.01
C TYR C 95 28.20 -21.49 23.66
N CYS C 96 28.59 -21.24 22.42
CA CYS C 96 28.61 -19.90 21.85
C CYS C 96 27.70 -19.86 20.63
N ALA C 97 26.97 -18.76 20.50
CA ALA C 97 25.97 -18.66 19.44
C ALA C 97 25.87 -17.22 18.97
N ALA C 98 25.28 -17.05 17.79
CA ALA C 98 25.02 -15.75 17.21
C ALA C 98 23.52 -15.61 16.93
N ALA C 99 23.12 -14.44 16.45
CA ALA C 99 21.73 -14.20 16.15
C ALA C 99 21.61 -13.01 15.21
N TYR C 100 20.47 -12.95 14.52
CA TYR C 100 20.15 -11.83 13.65
C TYR C 100 19.31 -10.77 14.33
N THR C 101 18.93 -10.98 15.60
CA THR C 101 18.09 -10.04 16.31
C THR C 101 18.26 -10.26 17.80
N GLY C 102 18.51 -9.19 18.53
CA GLY C 102 18.68 -9.28 19.96
C GLY C 102 18.05 -8.14 20.74
N TRP C 103 17.39 -7.22 20.04
CA TRP C 103 16.66 -6.17 20.74
C TRP C 103 15.45 -6.72 21.49
N MET C 104 15.06 -7.97 21.21
CA MET C 104 13.99 -8.60 21.99
C MET C 104 14.53 -9.16 23.29
N ALA C 105 15.45 -10.12 23.20
CA ALA C 105 16.02 -10.75 24.38
C ALA C 105 17.47 -11.13 24.11
N PRO C 106 18.42 -10.64 24.92
CA PRO C 106 19.83 -10.98 24.67
C PRO C 106 20.22 -12.33 25.25
N LEU C 107 19.51 -12.78 26.27
CA LEU C 107 19.87 -14.02 26.97
C LEU C 107 18.95 -15.19 26.67
N TRP C 108 17.68 -14.95 26.37
CA TRP C 108 16.76 -16.05 26.14
C TRP C 108 17.25 -16.90 24.97
N GLN C 109 17.27 -18.22 25.19
CA GLN C 109 17.81 -19.15 24.19
C GLN C 109 16.90 -19.33 22.98
N TRP C 110 15.66 -18.87 23.04
CA TRP C 110 14.71 -19.05 21.94
C TRP C 110 14.82 -17.92 20.91
N VAL C 111 15.98 -17.25 20.83
CA VAL C 111 16.21 -16.20 19.85
C VAL C 111 17.38 -16.53 18.94
N TYR C 112 18.48 -17.03 19.50
CA TYR C 112 19.66 -17.34 18.70
C TYR C 112 19.34 -18.39 17.65
N SER C 113 19.90 -18.22 16.45
CA SER C 113 19.70 -19.15 15.35
C SER C 113 20.87 -20.11 15.19
N TYR C 114 22.07 -19.58 15.00
CA TYR C 114 23.26 -20.40 14.80
C TYR C 114 23.89 -20.76 16.13
N TRP C 115 24.33 -22.01 16.25
CA TRP C 115 24.94 -22.53 17.45
C TRP C 115 26.27 -23.17 17.11
N GLY C 116 27.00 -23.62 18.14
CA GLY C 116 28.29 -24.23 17.96
C GLY C 116 28.36 -25.56 18.69
N GLN C 117 29.49 -26.25 18.49
CA GLN C 117 29.69 -27.54 19.11
C GLN C 117 29.72 -27.42 20.63
N GLY C 118 30.39 -26.40 21.15
CA GLY C 118 30.51 -26.20 22.58
C GLY C 118 31.74 -26.88 23.16
N THR C 119 32.11 -26.44 24.36
CA THR C 119 33.27 -26.96 25.07
C THR C 119 32.90 -27.25 26.51
N GLN C 120 33.49 -28.30 27.06
CA GLN C 120 33.22 -28.73 28.43
C GLN C 120 34.31 -28.20 29.35
N VAL C 121 33.90 -27.59 30.45
CA VAL C 121 34.82 -27.06 31.47
C VAL C 121 34.42 -27.62 32.82
N THR C 122 35.39 -28.18 33.53
CA THR C 122 35.15 -28.80 34.83
C THR C 122 35.99 -28.09 35.89
N VAL C 123 35.36 -27.78 37.01
CA VAL C 123 36.01 -27.12 38.15
C VAL C 123 35.93 -28.05 39.34
N SER C 124 37.08 -28.37 39.94
CA SER C 124 37.12 -29.24 41.10
C SER C 124 37.60 -28.46 42.34
#